data_4PUT
#
_entry.id   4PUT
#
_cell.length_a   168.740
_cell.length_b   168.740
_cell.length_c   175.590
_cell.angle_alpha   90.00
_cell.angle_beta   90.00
_cell.angle_gamma   120.00
#
_symmetry.space_group_name_H-M   'P 63 2 2'
#
loop_
_entity.id
_entity.type
_entity.pdbx_description
1 polymer 'Cytosolic oligopeptidase A'
2 non-polymer 'ZINC ION'
3 non-polymer 'CHLORIDE ION'
#
_entity_poly.entity_id   1
_entity_poly.type   'polypeptide(L)'
_entity_poly.pdbx_seq_one_letter_code
;MGSSHHHHHHSSGLVPRGSHMASEDTLSSNPLLQNFDFPPFDSVDAHHVRPGIRALLQQLEAELEQLEKAVEPSWPKLVE
PLEKIIDRLSVVWGMINHLKAVKDTPELRAAIEEVQPEKVKFQLRLGQSKPIYNAFKAIRESPDWNSLSEARQRLVEAQI
KEAVLSGIALEDDKREEFNKIEQELEKLSHKFSENVLDATKKFEKLITDKKEIEGLPPSALGLFAQAAVSKGHETATADT
GPWLITLDAPSYLPVMQHAKNRALREEVYRAYLSRASSGDLDNTAIIDQILKLRLEKAKLLGYRNYAEVSMATKMATVEK
ADELLEKLRSASWDPAVQDIEDLKSFAKNQGAAEADSLTHWDITFWSERLRESKYDINEEELRPYFSLPKVMDALFGLAK
TLFGIDVVPADGVAPVWNSDVRFYCVKDSSGNPTAYFYFDPYSRPSEKRDGAWMDEVFSRSRVMAQKGSSVRLPVAQMVC
NQTPPVGDKPSLMTFREVETVFHEFGHALQHMLTKEDEGLVAGIRNIEWDAVELPSQFMENWCYHRDTLMSIAKHYQTGE
TLPENVYKKLLAARTFRAGSLSLRQLKFATVDLELHTKYMPGGAETIYEVDQRVSIKTQVIPPLPEDRFLCSFSHIFAGG
YAAGYYSYKWAEVLSADAFSAFEDAGLDDIKAVKETGQRFRNTILALGGGKAPLKVFVEFRGREPSPEPLLRHNGLLAAS
A
;
_entity_poly.pdbx_strand_id   A
#
# COMPACT_ATOMS: atom_id res chain seq x y z
N THR A 26 31.45 25.38 10.68
CA THR A 26 30.10 25.74 11.17
C THR A 26 29.00 24.73 10.86
N LEU A 27 29.21 23.87 9.85
CA LEU A 27 28.32 22.72 9.60
C LEU A 27 28.30 21.74 10.76
N SER A 28 29.42 21.70 11.46
CA SER A 28 29.61 21.11 12.79
C SER A 28 28.50 21.24 13.82
N SER A 29 27.76 22.34 13.74
CA SER A 29 26.67 22.59 14.67
C SER A 29 25.31 22.07 14.16
N ASN A 30 25.25 21.61 12.91
CA ASN A 30 24.00 21.17 12.31
C ASN A 30 23.56 19.86 12.97
N PRO A 31 22.32 19.75 13.49
CA PRO A 31 21.83 18.53 14.12
C PRO A 31 21.82 17.32 13.20
N LEU A 32 21.58 17.54 11.91
CA LEU A 32 21.49 16.43 10.96
C LEU A 32 22.81 15.73 10.72
N LEU A 33 23.89 16.49 10.87
CA LEU A 33 25.21 15.94 10.64
C LEU A 33 25.84 15.33 11.89
N GLN A 34 25.13 15.37 13.01
CA GLN A 34 25.64 14.81 14.25
C GLN A 34 25.49 13.30 14.30
N ASN A 35 26.36 12.70 15.09
CA ASN A 35 26.21 11.29 15.44
C ASN A 35 25.29 11.21 16.65
N PHE A 36 24.05 10.83 16.39
CA PHE A 36 23.01 10.82 17.41
C PHE A 36 22.58 9.40 17.73
N ASP A 37 21.95 9.24 18.89
CA ASP A 37 21.46 7.93 19.32
C ASP A 37 20.01 7.75 18.92
N PHE A 38 19.23 8.78 19.11
CA PHE A 38 17.89 8.87 18.53
C PHE A 38 17.87 10.15 17.73
N PRO A 39 17.11 10.25 16.63
CA PRO A 39 17.15 11.45 15.81
C PRO A 39 16.76 12.72 16.59
N PRO A 40 17.44 13.85 16.34
CA PRO A 40 17.18 15.11 17.03
C PRO A 40 15.90 15.84 16.63
N PHE A 41 14.75 15.16 16.75
CA PHE A 41 13.49 15.71 16.28
C PHE A 41 13.05 17.02 16.90
N ASP A 42 13.55 17.28 18.10
CA ASP A 42 13.22 18.51 18.82
C ASP A 42 14.05 19.73 18.39
N SER A 43 15.04 19.53 17.53
CA SER A 43 16.09 20.53 17.35
C SER A 43 16.50 20.77 15.92
N VAL A 44 15.82 20.14 14.97
CA VAL A 44 16.09 20.38 13.55
C VAL A 44 15.05 21.40 13.09
N ASP A 45 15.54 22.48 12.50
CA ASP A 45 14.73 23.49 11.84
C ASP A 45 14.98 23.40 10.36
N ALA A 46 14.09 24.04 9.60
CA ALA A 46 14.19 24.04 8.15
C ALA A 46 15.50 24.59 7.58
N HIS A 47 16.11 25.53 8.31
CA HIS A 47 17.38 26.09 7.85
C HIS A 47 18.57 25.15 7.96
N HIS A 48 18.39 24.03 8.67
CA HIS A 48 19.43 23.02 8.70
C HIS A 48 19.38 22.10 7.51
N VAL A 49 18.22 22.02 6.85
CA VAL A 49 17.97 21.00 5.84
C VAL A 49 18.84 21.19 4.61
N ARG A 50 18.71 22.36 3.98
CA ARG A 50 19.53 22.71 2.82
C ARG A 50 21.04 22.54 2.97
N PRO A 51 21.68 23.17 3.97
CA PRO A 51 23.10 22.94 4.24
C PRO A 51 23.44 21.53 4.65
N GLY A 52 22.61 20.93 5.51
CA GLY A 52 22.94 19.62 6.05
C GLY A 52 22.82 18.48 5.06
N ILE A 53 21.72 18.44 4.31
CA ILE A 53 21.60 17.45 3.24
C ILE A 53 22.66 17.63 2.16
N ARG A 54 22.96 18.88 1.80
CA ARG A 54 24.05 19.08 0.84
C ARG A 54 25.41 18.66 1.38
N ALA A 55 25.64 18.92 2.67
CA ALA A 55 26.87 18.49 3.34
C ALA A 55 27.01 16.98 3.49
N LEU A 56 25.89 16.34 3.85
CA LEU A 56 25.79 14.90 3.99
C LEU A 56 26.05 14.21 2.69
N LEU A 57 25.48 14.75 1.62
CA LEU A 57 25.71 14.19 0.30
C LEU A 57 27.17 14.32 -0.17
N GLN A 58 27.87 15.39 0.24
CA GLN A 58 29.31 15.48 -0.03
C GLN A 58 30.08 14.42 0.72
N GLN A 59 29.79 14.27 2.01
CA GLN A 59 30.40 13.23 2.83
C GLN A 59 30.20 11.83 2.25
N LEU A 60 28.95 11.52 1.91
CA LEU A 60 28.64 10.20 1.38
C LEU A 60 29.22 9.94 0.00
N GLU A 61 29.23 10.97 -0.85
CA GLU A 61 29.89 10.88 -2.14
C GLU A 61 31.38 10.63 -2.00
N ALA A 62 32.00 11.34 -1.06
CA ALA A 62 33.39 11.08 -0.74
C ALA A 62 33.64 9.68 -0.17
N GLU A 63 32.73 9.22 0.69
CA GLU A 63 32.85 7.89 1.27
C GLU A 63 32.56 6.76 0.27
N LEU A 64 31.70 7.04 -0.71
CA LEU A 64 31.51 6.13 -1.83
C LEU A 64 32.75 5.99 -2.69
N GLU A 65 33.41 7.11 -2.98
CA GLU A 65 34.63 7.04 -3.78
C GLU A 65 35.76 6.34 -3.05
N GLN A 66 35.82 6.54 -1.74
CA GLN A 66 36.73 5.77 -0.91
C GLN A 66 36.43 4.28 -0.95
N LEU A 67 35.13 3.95 -0.93
CA LEU A 67 34.69 2.56 -1.04
C LEU A 67 35.11 1.93 -2.35
N GLU A 68 34.80 2.62 -3.43
CA GLU A 68 35.14 2.12 -4.76
C GLU A 68 36.64 1.94 -5.00
N LYS A 69 37.48 2.77 -4.38
CA LYS A 69 38.93 2.56 -4.50
C LYS A 69 39.44 1.33 -3.76
N ALA A 70 38.70 0.91 -2.74
CA ALA A 70 39.17 -0.17 -1.89
C ALA A 70 38.35 -1.45 -2.02
N VAL A 71 37.41 -1.52 -2.98
CA VAL A 71 36.53 -2.68 -3.03
C VAL A 71 37.28 -4.00 -3.20
N GLU A 72 36.89 -4.92 -2.35
CA GLU A 72 37.22 -6.32 -2.48
C GLU A 72 35.91 -7.08 -2.27
N PRO A 73 35.77 -8.31 -2.77
CA PRO A 73 34.59 -9.13 -2.51
C PRO A 73 34.61 -9.74 -1.11
N SER A 74 34.58 -8.89 -0.11
CA SER A 74 34.51 -9.29 1.28
C SER A 74 33.46 -8.45 1.95
N TRP A 75 32.95 -8.95 3.07
CA TRP A 75 32.05 -8.11 3.86
C TRP A 75 32.67 -6.80 4.34
N PRO A 76 33.85 -6.82 5.01
CA PRO A 76 34.52 -5.60 5.46
C PRO A 76 34.95 -4.60 4.39
N LYS A 77 35.03 -5.01 3.14
CA LYS A 77 35.49 -4.12 2.09
C LYS A 77 34.41 -3.75 1.10
N LEU A 78 33.19 -4.23 1.32
CA LEU A 78 32.08 -3.95 0.42
C LEU A 78 30.84 -3.66 1.19
N VAL A 79 30.29 -4.73 1.76
CA VAL A 79 28.93 -4.67 2.25
C VAL A 79 28.83 -3.83 3.51
N GLU A 80 29.83 -3.91 4.38
CA GLU A 80 29.83 -3.08 5.57
C GLU A 80 29.98 -1.58 5.29
N PRO A 81 30.99 -1.13 4.52
CA PRO A 81 31.02 0.23 3.98
C PRO A 81 29.77 0.71 3.25
N LEU A 82 29.23 -0.15 2.39
CA LEU A 82 28.01 0.17 1.67
C LEU A 82 26.85 0.37 2.60
N GLU A 83 26.66 -0.52 3.59
CA GLU A 83 25.57 -0.35 4.54
C GLU A 83 25.62 0.98 5.26
N LYS A 84 26.82 1.34 5.70
CA LYS A 84 27.03 2.61 6.36
C LYS A 84 26.59 3.84 5.55
N ILE A 85 26.85 3.80 4.25
CA ILE A 85 26.37 4.87 3.37
C ILE A 85 24.85 4.84 3.26
N ILE A 86 24.34 3.65 2.93
CA ILE A 86 22.90 3.42 2.74
C ILE A 86 22.09 3.87 3.97
N ASP A 87 22.58 3.41 5.11
CA ASP A 87 21.92 3.62 6.38
C ASP A 87 21.91 5.07 6.81
N ARG A 88 23.03 5.77 6.64
CA ARG A 88 23.05 7.14 7.12
C ARG A 88 22.16 8.04 6.29
N LEU A 89 22.21 7.89 4.97
CA LEU A 89 21.29 8.62 4.12
C LEU A 89 19.83 8.31 4.44
N SER A 90 19.56 7.03 4.65
CA SER A 90 18.23 6.58 5.00
C SER A 90 17.71 7.21 6.29
N VAL A 91 18.56 7.18 7.30
CA VAL A 91 18.16 7.65 8.61
C VAL A 91 17.91 9.15 8.63
N VAL A 92 18.82 9.89 7.98
CA VAL A 92 18.72 11.35 7.98
C VAL A 92 17.62 11.83 7.06
N TRP A 93 17.57 11.29 5.85
CA TRP A 93 16.49 11.65 4.95
C TRP A 93 15.14 11.30 5.52
N GLY A 94 15.06 10.14 6.19
CA GLY A 94 13.82 9.73 6.80
C GLY A 94 13.39 10.61 7.95
N MET A 95 14.37 11.09 8.72
CA MET A 95 14.14 12.07 9.78
C MET A 95 13.50 13.35 9.29
N ILE A 96 14.12 13.97 8.31
CA ILE A 96 13.61 15.27 7.86
C ILE A 96 12.29 15.11 7.12
N ASN A 97 12.17 13.99 6.41
CA ASN A 97 10.93 13.73 5.71
C ASN A 97 9.78 13.39 6.67
N HIS A 98 10.10 12.75 7.78
CA HIS A 98 9.13 12.57 8.86
C HIS A 98 8.67 13.87 9.48
N LEU A 99 9.62 14.77 9.73
CA LEU A 99 9.28 16.10 10.22
C LEU A 99 8.34 16.85 9.30
N LYS A 100 8.49 16.70 7.99
CA LYS A 100 7.51 17.25 7.05
C LYS A 100 6.10 16.70 7.20
N ALA A 101 5.95 15.47 7.68
CA ALA A 101 4.60 14.92 7.83
C ALA A 101 3.94 15.27 9.15
N VAL A 102 4.73 15.62 10.17
CA VAL A 102 4.20 15.82 11.52
C VAL A 102 4.41 17.23 12.07
N LYS A 103 5.39 17.93 11.52
CA LYS A 103 5.81 19.23 11.99
C LYS A 103 6.08 20.16 10.80
N ASP A 104 5.11 20.14 9.90
CA ASP A 104 5.19 20.77 8.60
C ASP A 104 5.16 22.29 8.67
N THR A 105 6.07 22.87 7.91
CA THR A 105 6.17 24.30 7.73
C THR A 105 6.45 24.49 6.24
N PRO A 106 6.08 25.62 5.63
CA PRO A 106 6.38 25.81 4.21
C PRO A 106 7.85 25.99 3.90
N GLU A 107 8.60 26.51 4.86
CA GLU A 107 10.05 26.60 4.78
C GLU A 107 10.72 25.24 4.76
N LEU A 108 10.16 24.31 5.55
CA LEU A 108 10.64 22.93 5.54
C LEU A 108 10.31 22.22 4.23
N ARG A 109 9.08 22.42 3.73
CA ARG A 109 8.72 21.87 2.41
C ARG A 109 9.62 22.38 1.30
N ALA A 110 9.82 23.70 1.30
CA ALA A 110 10.68 24.36 0.34
C ALA A 110 12.11 23.84 0.34
N ALA A 111 12.64 23.65 1.55
CA ALA A 111 13.99 23.10 1.70
C ALA A 111 14.11 21.67 1.21
N ILE A 112 13.14 20.83 1.57
CA ILE A 112 13.19 19.44 1.15
C ILE A 112 13.00 19.30 -0.35
N GLU A 113 12.05 20.05 -0.94
CA GLU A 113 11.83 19.96 -2.38
C GLU A 113 12.99 20.50 -3.22
N GLU A 114 13.84 21.31 -2.59
CA GLU A 114 15.03 21.77 -3.27
C GLU A 114 16.18 20.77 -3.22
N VAL A 115 16.38 20.08 -2.09
CA VAL A 115 17.51 19.14 -2.04
C VAL A 115 17.15 17.73 -2.49
N GLN A 116 15.85 17.40 -2.53
CA GLN A 116 15.41 16.10 -3.00
C GLN A 116 16.02 15.59 -4.32
N PRO A 117 16.01 16.36 -5.42
CA PRO A 117 16.73 16.01 -6.64
C PRO A 117 18.20 15.63 -6.49
N GLU A 118 18.93 16.36 -5.64
CA GLU A 118 20.33 16.05 -5.39
C GLU A 118 20.46 14.70 -4.70
N LYS A 119 19.60 14.49 -3.70
CA LYS A 119 19.53 13.22 -3.00
C LYS A 119 19.29 12.04 -3.93
N VAL A 120 18.29 12.19 -4.79
CA VAL A 120 17.96 11.12 -5.71
C VAL A 120 19.02 10.91 -6.79
N LYS A 121 19.68 11.98 -7.21
CA LYS A 121 20.82 11.84 -8.12
C LYS A 121 21.97 11.04 -7.49
N PHE A 122 22.20 11.25 -6.19
CA PHE A 122 23.18 10.44 -5.47
C PHE A 122 22.74 8.99 -5.30
N GLN A 123 21.46 8.77 -4.98
CA GLN A 123 20.93 7.40 -4.92
C GLN A 123 21.15 6.60 -6.20
N LEU A 124 20.85 7.28 -7.31
CA LEU A 124 21.11 6.73 -8.63
C LEU A 124 22.57 6.38 -8.84
N ARG A 125 23.44 7.36 -8.57
CA ARG A 125 24.89 7.16 -8.57
C ARG A 125 25.39 5.93 -7.82
N LEU A 126 24.85 5.76 -6.62
CA LEU A 126 25.24 4.69 -5.71
C LEU A 126 24.87 3.32 -6.23
N GLY A 127 23.71 3.23 -6.87
CA GLY A 127 23.31 1.93 -7.39
C GLY A 127 23.94 1.60 -8.73
N GLN A 128 24.28 2.65 -9.47
CA GLN A 128 24.97 2.48 -10.74
C GLN A 128 26.46 2.17 -10.60
N SER A 129 26.99 2.11 -9.38
CA SER A 129 28.39 1.86 -9.13
C SER A 129 28.88 0.54 -9.71
N LYS A 130 29.60 0.62 -10.83
CA LYS A 130 30.22 -0.58 -11.38
C LYS A 130 31.26 -1.27 -10.51
N PRO A 131 32.14 -0.57 -9.76
CA PRO A 131 32.98 -1.22 -8.77
C PRO A 131 32.24 -2.08 -7.75
N ILE A 132 31.14 -1.54 -7.21
CA ILE A 132 30.28 -2.27 -6.28
C ILE A 132 29.57 -3.45 -6.95
N TYR A 133 29.02 -3.23 -8.15
CA TYR A 133 28.38 -4.34 -8.87
C TYR A 133 29.35 -5.47 -9.10
N ASN A 134 30.51 -5.13 -9.61
CA ASN A 134 31.53 -6.13 -9.90
C ASN A 134 32.03 -6.85 -8.66
N ALA A 135 32.15 -6.13 -7.55
CA ALA A 135 32.49 -6.73 -6.27
C ALA A 135 31.45 -7.71 -5.76
N PHE A 136 30.17 -7.36 -5.86
CA PHE A 136 29.12 -8.33 -5.55
C PHE A 136 29.10 -9.52 -6.47
N LYS A 137 29.39 -9.27 -7.75
CA LYS A 137 29.47 -10.34 -8.73
C LYS A 137 30.59 -11.29 -8.40
N ALA A 138 31.72 -10.73 -7.97
CA ALA A 138 32.83 -11.53 -7.50
C ALA A 138 32.53 -12.35 -6.26
N ILE A 139 31.81 -11.77 -5.29
CA ILE A 139 31.26 -12.54 -4.16
C ILE A 139 30.44 -13.73 -4.62
N ARG A 140 29.55 -13.48 -5.59
CA ARG A 140 28.67 -14.50 -6.10
C ARG A 140 29.39 -15.65 -6.79
N GLU A 141 30.45 -15.31 -7.50
CA GLU A 141 31.18 -16.30 -8.29
C GLU A 141 32.31 -16.97 -7.53
N SER A 142 32.65 -16.48 -6.35
CA SER A 142 33.64 -17.12 -5.51
C SER A 142 33.20 -18.50 -5.01
N PRO A 143 34.14 -19.43 -4.74
CA PRO A 143 33.87 -20.64 -3.96
C PRO A 143 33.29 -20.42 -2.57
N ASP A 144 33.70 -19.29 -1.98
CA ASP A 144 33.19 -18.78 -0.71
C ASP A 144 31.69 -18.62 -0.60
N TRP A 145 31.03 -18.53 -1.76
CA TRP A 145 29.58 -18.46 -1.84
C TRP A 145 28.82 -19.50 -1.03
N ASN A 146 29.33 -20.72 -1.08
CA ASN A 146 28.65 -21.86 -0.48
C ASN A 146 28.81 -21.93 1.03
N SER A 147 29.66 -21.06 1.58
CA SER A 147 29.80 -20.90 3.02
C SER A 147 28.99 -19.73 3.58
N LEU A 148 28.47 -18.89 2.69
CA LEU A 148 27.82 -17.65 3.07
C LEU A 148 26.44 -17.99 3.64
N SER A 149 25.99 -17.20 4.63
CA SER A 149 24.67 -17.44 5.24
C SER A 149 23.52 -17.16 4.30
N GLU A 150 22.33 -17.72 4.59
CA GLU A 150 21.17 -17.47 3.74
C GLU A 150 20.85 -16.00 3.56
N ALA A 151 20.92 -15.26 4.67
CA ALA A 151 20.67 -13.82 4.63
C ALA A 151 21.70 -13.07 3.81
N ARG A 152 22.97 -13.43 3.97
CA ARG A 152 24.00 -12.83 3.14
C ARG A 152 23.90 -13.17 1.65
N GLN A 153 23.44 -14.39 1.36
CA GLN A 153 23.15 -14.76 -0.01
C GLN A 153 21.95 -14.02 -0.59
N ARG A 154 20.86 -13.91 0.18
CA ARG A 154 19.74 -13.05 -0.18
C ARG A 154 20.16 -11.60 -0.46
N LEU A 155 20.99 -11.06 0.43
CA LEU A 155 21.55 -9.72 0.26
C LEU A 155 22.32 -9.58 -1.03
N VAL A 156 23.30 -10.46 -1.25
CA VAL A 156 24.08 -10.41 -2.51
C VAL A 156 23.22 -10.56 -3.77
N GLU A 157 22.33 -11.56 -3.77
CA GLU A 157 21.42 -11.73 -4.88
C GLU A 157 20.52 -10.52 -5.14
N ALA A 158 20.09 -9.87 -4.07
CA ALA A 158 19.33 -8.63 -4.19
C ALA A 158 20.09 -7.55 -4.93
N GLN A 159 21.32 -7.30 -4.49
CA GLN A 159 22.18 -6.32 -5.15
C GLN A 159 22.45 -6.62 -6.61
N ILE A 160 22.72 -7.90 -6.89
CA ILE A 160 22.91 -8.35 -8.27
C ILE A 160 21.66 -8.13 -9.11
N LYS A 161 20.52 -8.54 -8.57
CA LYS A 161 19.29 -8.53 -9.33
C LYS A 161 18.79 -7.11 -9.61
N GLU A 162 18.97 -6.25 -8.61
CA GLU A 162 18.69 -4.83 -8.76
C GLU A 162 19.53 -4.18 -9.84
N ALA A 163 20.84 -4.45 -9.78
CA ALA A 163 21.75 -4.00 -10.81
C ALA A 163 21.42 -4.54 -12.19
N VAL A 164 21.22 -5.85 -12.30
CA VAL A 164 20.95 -6.51 -13.57
C VAL A 164 19.71 -6.00 -14.26
N LEU A 165 18.63 -5.93 -13.50
CA LEU A 165 17.35 -5.52 -14.08
C LEU A 165 17.31 -4.04 -14.46
N SER A 166 18.26 -3.26 -13.96
CA SER A 166 18.46 -1.88 -14.41
C SER A 166 19.41 -1.77 -15.62
N GLY A 167 19.96 -2.90 -16.07
CA GLY A 167 20.69 -2.91 -17.31
C GLY A 167 22.19 -2.95 -17.15
N ILE A 168 22.71 -2.81 -15.92
CA ILE A 168 24.15 -2.72 -15.65
C ILE A 168 24.97 -3.87 -16.20
N ALA A 169 24.36 -5.03 -16.20
CA ALA A 169 24.97 -6.23 -16.73
C ALA A 169 25.00 -6.31 -18.25
N LEU A 170 24.32 -5.41 -18.94
CA LEU A 170 24.33 -5.43 -20.39
C LEU A 170 25.62 -4.82 -20.92
N GLU A 171 26.04 -5.40 -22.03
CA GLU A 171 27.10 -4.85 -22.84
C GLU A 171 26.64 -3.60 -23.58
N ASP A 172 27.57 -2.69 -23.83
CA ASP A 172 27.28 -1.28 -24.07
C ASP A 172 26.30 -0.95 -25.16
N ASP A 173 26.32 -1.72 -26.24
CA ASP A 173 25.37 -1.54 -27.32
C ASP A 173 23.93 -1.81 -26.87
N LYS A 174 23.73 -2.96 -26.23
CA LYS A 174 22.41 -3.33 -25.74
C LYS A 174 21.99 -2.53 -24.51
N ARG A 175 22.97 -2.04 -23.75
CA ARG A 175 22.67 -1.08 -22.70
C ARG A 175 22.12 0.24 -23.23
N GLU A 176 22.64 0.68 -24.36
CA GLU A 176 22.05 1.84 -25.02
C GLU A 176 20.64 1.57 -25.54
N GLU A 177 20.44 0.40 -26.15
CA GLU A 177 19.08 0.02 -26.60
C GLU A 177 18.08 -0.02 -25.46
N PHE A 178 18.52 -0.65 -24.37
CA PHE A 178 17.80 -0.70 -23.11
C PHE A 178 17.42 0.67 -22.59
N ASN A 179 18.41 1.55 -22.47
CA ASN A 179 18.12 2.92 -22.05
C ASN A 179 17.19 3.67 -22.98
N LYS A 180 17.33 3.48 -24.29
CA LYS A 180 16.38 4.07 -25.22
C LYS A 180 14.94 3.56 -25.05
N ILE A 181 14.79 2.24 -24.87
CA ILE A 181 13.50 1.66 -24.52
C ILE A 181 12.89 2.25 -23.24
N GLU A 182 13.70 2.39 -22.21
CA GLU A 182 13.24 2.98 -20.96
C GLU A 182 12.76 4.42 -21.11
N GLN A 183 13.49 5.17 -21.93
CA GLN A 183 13.18 6.58 -22.14
C GLN A 183 11.90 6.78 -22.92
N GLU A 184 11.72 5.97 -23.96
CA GLU A 184 10.48 6.01 -24.72
C GLU A 184 9.29 5.56 -23.92
N LEU A 185 9.48 4.52 -23.11
CA LEU A 185 8.46 4.08 -22.17
C LEU A 185 8.02 5.16 -21.20
N GLU A 186 8.97 5.91 -20.63
CA GLU A 186 8.57 7.00 -19.75
C GLU A 186 7.79 8.10 -20.46
N LYS A 187 8.20 8.41 -21.68
CA LYS A 187 7.44 9.30 -22.54
C LYS A 187 6.02 8.79 -22.81
N LEU A 188 5.90 7.54 -23.25
CA LEU A 188 4.59 6.94 -23.52
C LEU A 188 3.66 6.91 -22.34
N SER A 189 4.21 6.61 -21.17
CA SER A 189 3.48 6.65 -19.92
C SER A 189 2.95 8.03 -19.54
N HIS A 190 3.69 9.10 -19.85
CA HIS A 190 3.16 10.43 -19.65
C HIS A 190 2.08 10.78 -20.64
N LYS A 191 2.31 10.44 -21.90
CA LYS A 191 1.28 10.67 -22.92
C LYS A 191 -0.03 9.94 -22.62
N PHE A 192 0.10 8.72 -22.12
CA PHE A 192 -1.04 7.96 -21.62
C PHE A 192 -1.81 8.74 -20.55
N SER A 193 -1.06 9.23 -19.57
CA SER A 193 -1.63 9.91 -18.43
C SER A 193 -2.29 11.25 -18.79
N GLU A 194 -1.68 12.00 -19.71
CA GLU A 194 -2.27 13.23 -20.22
C GLU A 194 -3.53 12.96 -21.01
N ASN A 195 -3.54 11.97 -21.88
CA ASN A 195 -4.76 11.57 -22.58
C ASN A 195 -5.92 11.16 -21.69
N VAL A 196 -5.63 10.50 -20.58
CA VAL A 196 -6.68 10.20 -19.61
C VAL A 196 -7.14 11.47 -18.90
N LEU A 197 -6.20 12.26 -18.40
CA LEU A 197 -6.55 13.50 -17.70
C LEU A 197 -7.30 14.50 -18.57
N ASP A 198 -6.88 14.65 -19.82
CA ASP A 198 -7.57 15.50 -20.77
C ASP A 198 -8.95 14.96 -21.11
N ALA A 199 -9.05 13.66 -21.37
CA ALA A 199 -10.36 13.06 -21.64
C ALA A 199 -11.32 13.07 -20.46
N THR A 200 -10.76 13.07 -19.25
CA THR A 200 -11.54 13.23 -18.03
C THR A 200 -12.09 14.65 -17.92
N LYS A 201 -11.25 15.67 -18.14
CA LYS A 201 -11.69 17.03 -17.88
C LYS A 201 -12.49 17.65 -19.04
N LYS A 202 -12.43 17.05 -20.23
CA LYS A 202 -13.25 17.48 -21.36
C LYS A 202 -14.77 17.42 -21.12
N PHE A 203 -15.19 16.45 -20.31
CA PHE A 203 -16.61 16.35 -19.97
C PHE A 203 -16.96 17.39 -18.92
N GLU A 204 -17.95 18.19 -19.29
CA GLU A 204 -18.57 19.15 -18.41
C GLU A 204 -20.06 19.08 -18.73
N LYS A 205 -20.93 18.87 -17.73
CA LYS A 205 -22.38 18.89 -17.93
C LYS A 205 -22.98 19.85 -16.94
N LEU A 206 -23.58 20.92 -17.45
CA LEU A 206 -24.26 21.86 -16.57
C LEU A 206 -25.71 21.45 -16.45
N ILE A 207 -26.14 21.17 -15.22
CA ILE A 207 -27.54 20.98 -14.90
C ILE A 207 -28.08 22.33 -14.44
N THR A 208 -29.32 22.62 -14.84
CA THR A 208 -30.04 23.77 -14.28
C THR A 208 -31.36 23.35 -13.64
N ASP A 209 -32.00 22.31 -14.16
CA ASP A 209 -33.24 21.85 -13.55
C ASP A 209 -32.94 21.11 -12.26
N LYS A 210 -33.52 21.60 -11.16
CA LYS A 210 -33.37 20.97 -9.85
C LYS A 210 -33.82 19.50 -9.79
N LYS A 211 -34.81 19.15 -10.62
CA LYS A 211 -35.31 17.78 -10.64
C LYS A 211 -34.26 16.77 -11.11
N GLU A 212 -33.36 17.22 -11.97
CA GLU A 212 -32.33 16.32 -12.52
C GLU A 212 -31.20 15.99 -11.53
N ILE A 213 -31.11 16.78 -10.48
CA ILE A 213 -30.03 16.76 -9.50
C ILE A 213 -30.46 16.07 -8.21
N GLU A 214 -31.65 15.47 -8.23
CA GLU A 214 -32.20 14.71 -7.13
C GLU A 214 -31.29 13.61 -6.66
N GLY A 215 -31.07 13.64 -5.36
CA GLY A 215 -30.44 12.53 -4.67
C GLY A 215 -29.02 12.81 -4.28
N LEU A 216 -28.41 13.72 -5.04
CA LEU A 216 -27.03 14.07 -4.84
C LEU A 216 -26.83 14.75 -3.49
N PRO A 217 -25.75 14.40 -2.78
CA PRO A 217 -25.55 14.90 -1.43
C PRO A 217 -25.15 16.38 -1.38
N PRO A 218 -25.35 17.05 -0.24
CA PRO A 218 -24.92 18.44 -0.04
C PRO A 218 -23.50 18.79 -0.45
N SER A 219 -22.58 17.89 -0.12
CA SER A 219 -21.20 18.06 -0.57
C SER A 219 -21.02 18.10 -2.08
N ALA A 220 -21.69 17.17 -2.77
CA ALA A 220 -21.58 17.08 -4.22
C ALA A 220 -22.19 18.30 -4.90
N LEU A 221 -23.33 18.73 -4.37
CA LEU A 221 -23.99 19.92 -4.86
C LEU A 221 -23.19 21.19 -4.63
N GLY A 222 -22.47 21.24 -3.52
CA GLY A 222 -21.53 22.35 -3.31
C GLY A 222 -20.37 22.33 -4.27
N LEU A 223 -19.84 21.15 -4.50
CA LEU A 223 -18.81 20.96 -5.50
C LEU A 223 -19.28 21.38 -6.88
N PHE A 224 -20.43 20.87 -7.32
CA PHE A 224 -20.89 21.16 -8.67
C PHE A 224 -21.30 22.61 -8.86
N ALA A 225 -21.78 23.23 -7.78
CA ALA A 225 -22.13 24.63 -7.83
C ALA A 225 -20.89 25.51 -7.94
N GLN A 226 -19.87 25.20 -7.15
CA GLN A 226 -18.65 25.97 -7.27
C GLN A 226 -17.86 25.65 -8.54
N ALA A 227 -18.02 24.44 -9.05
CA ALA A 227 -17.57 24.11 -10.40
C ALA A 227 -18.21 24.96 -11.48
N ALA A 228 -19.52 25.19 -11.34
CA ALA A 228 -20.18 26.16 -12.20
C ALA A 228 -19.70 27.60 -11.98
N VAL A 229 -19.55 28.04 -10.73
CA VAL A 229 -19.01 29.39 -10.45
C VAL A 229 -17.66 29.64 -11.11
N SER A 230 -16.77 28.66 -11.01
CA SER A 230 -15.45 28.73 -11.60
C SER A 230 -15.44 28.88 -13.13
N LYS A 231 -16.52 28.43 -13.76
CA LYS A 231 -16.69 28.57 -15.20
C LYS A 231 -17.66 29.71 -15.53
N GLY A 232 -17.84 30.65 -14.61
CA GLY A 232 -18.44 31.95 -14.94
C GLY A 232 -19.77 32.24 -14.29
N HIS A 233 -20.42 31.19 -13.82
CA HIS A 233 -21.80 31.27 -13.34
C HIS A 233 -21.86 31.80 -11.91
N GLU A 234 -21.44 33.05 -11.78
CA GLU A 234 -21.31 33.83 -10.56
C GLU A 234 -22.27 33.57 -9.40
N THR A 235 -23.53 33.36 -9.75
CA THR A 235 -24.60 33.16 -8.78
C THR A 235 -24.84 31.73 -8.33
N ALA A 236 -24.09 30.78 -8.90
CA ALA A 236 -24.39 29.38 -8.66
C ALA A 236 -24.22 28.98 -7.20
N THR A 237 -25.12 28.13 -6.76
CA THR A 237 -25.28 27.81 -5.35
C THR A 237 -25.72 26.37 -5.28
N ALA A 238 -25.36 25.68 -4.20
CA ALA A 238 -25.74 24.27 -4.06
C ALA A 238 -27.22 24.00 -4.10
N ASP A 239 -27.95 24.97 -3.56
CA ASP A 239 -29.38 24.90 -3.45
C ASP A 239 -30.06 25.31 -4.74
N THR A 240 -29.59 26.42 -5.27
CA THR A 240 -30.34 27.16 -6.27
C THR A 240 -30.01 26.68 -7.68
N GLY A 241 -28.72 26.44 -7.92
CA GLY A 241 -28.36 25.74 -9.12
C GLY A 241 -27.54 26.51 -10.12
N PRO A 242 -27.56 25.93 -11.32
CA PRO A 242 -26.38 25.89 -12.17
C PRO A 242 -25.35 24.98 -11.48
N TRP A 243 -25.50 23.67 -11.67
CA TRP A 243 -24.58 22.68 -11.10
C TRP A 243 -23.78 22.07 -12.23
N LEU A 244 -22.45 22.17 -12.16
CA LEU A 244 -21.59 21.61 -13.19
C LEU A 244 -20.97 20.29 -12.73
N ILE A 245 -21.38 19.22 -13.40
CA ILE A 245 -20.92 17.88 -13.10
C ILE A 245 -19.78 17.52 -14.04
N THR A 246 -18.79 16.84 -13.49
CA THR A 246 -17.53 16.47 -14.14
C THR A 246 -17.25 14.98 -13.95
N LEU A 247 -16.28 14.44 -14.68
CA LEU A 247 -15.94 13.01 -14.55
C LEU A 247 -14.80 12.71 -13.59
N ASP A 248 -14.25 13.72 -12.92
CA ASP A 248 -13.24 13.42 -11.91
C ASP A 248 -13.86 12.76 -10.69
N ALA A 249 -13.04 11.98 -10.00
CA ALA A 249 -13.46 11.17 -8.85
C ALA A 249 -14.46 11.72 -7.84
N PRO A 250 -14.26 12.91 -7.27
CA PRO A 250 -15.20 13.49 -6.31
C PRO A 250 -16.54 13.97 -6.87
N SER A 251 -16.65 13.99 -8.19
CA SER A 251 -17.89 14.28 -8.87
C SER A 251 -18.50 12.97 -9.36
N TYR A 252 -17.72 12.14 -10.05
CA TYR A 252 -18.19 10.88 -10.61
C TYR A 252 -18.79 9.93 -9.60
N LEU A 253 -18.06 9.70 -8.52
CA LEU A 253 -18.56 8.80 -7.49
C LEU A 253 -19.94 9.15 -6.92
N PRO A 254 -20.19 10.36 -6.40
CA PRO A 254 -21.54 10.73 -5.98
C PRO A 254 -22.63 10.58 -7.02
N VAL A 255 -22.34 10.93 -8.28
CA VAL A 255 -23.33 10.72 -9.34
C VAL A 255 -23.73 9.25 -9.50
N MET A 256 -22.75 8.35 -9.54
CA MET A 256 -23.08 6.93 -9.64
C MET A 256 -23.70 6.33 -8.38
N GLN A 257 -23.42 6.92 -7.23
CA GLN A 257 -23.94 6.38 -5.97
C GLN A 257 -25.29 6.96 -5.57
N HIS A 258 -25.62 8.15 -6.04
CA HIS A 258 -26.68 8.93 -5.39
C HIS A 258 -27.61 9.64 -6.32
N ALA A 259 -27.20 9.90 -7.56
CA ALA A 259 -28.07 10.59 -8.50
C ALA A 259 -29.24 9.69 -8.85
N LYS A 260 -30.43 10.13 -8.43
CA LYS A 260 -31.65 9.36 -8.68
C LYS A 260 -32.03 9.33 -10.14
N ASN A 261 -31.56 10.35 -10.83
CA ASN A 261 -31.69 10.51 -12.26
C ASN A 261 -30.93 9.45 -13.05
N ARG A 262 -31.64 8.43 -13.51
CA ARG A 262 -31.00 7.36 -14.28
C ARG A 262 -30.35 7.83 -15.58
N ALA A 263 -30.86 8.90 -16.16
CA ALA A 263 -30.26 9.43 -17.39
C ALA A 263 -28.90 10.05 -17.16
N LEU A 264 -28.80 10.78 -16.05
CA LEU A 264 -27.54 11.37 -15.62
C LEU A 264 -26.52 10.31 -15.22
N ARG A 265 -27.00 9.26 -14.56
CA ARG A 265 -26.15 8.11 -14.30
C ARG A 265 -25.62 7.45 -15.57
N GLU A 266 -26.50 7.22 -16.55
CA GLU A 266 -26.06 6.64 -17.82
C GLU A 266 -25.05 7.51 -18.56
N GLU A 267 -25.36 8.80 -18.62
CA GLU A 267 -24.53 9.84 -19.24
C GLU A 267 -23.07 9.77 -18.81
N VAL A 268 -22.95 9.88 -17.49
CA VAL A 268 -21.68 9.98 -16.81
C VAL A 268 -20.95 8.65 -16.83
N TYR A 269 -21.70 7.55 -16.73
CA TYR A 269 -21.08 6.23 -16.91
C TYR A 269 -20.43 6.07 -18.27
N ARG A 270 -21.21 6.28 -19.34
CA ARG A 270 -20.72 5.98 -20.67
C ARG A 270 -19.51 6.83 -21.05
N ALA A 271 -19.57 8.07 -20.62
CA ALA A 271 -18.47 9.00 -20.76
C ALA A 271 -17.20 8.54 -20.07
N TYR A 272 -17.34 8.17 -18.80
CA TYR A 272 -16.22 7.69 -17.99
C TYR A 272 -15.56 6.41 -18.49
N LEU A 273 -16.38 5.45 -18.91
CA LEU A 273 -15.84 4.18 -19.44
C LEU A 273 -15.31 4.27 -20.86
N SER A 274 -15.29 5.47 -21.43
CA SER A 274 -14.80 5.64 -22.78
C SER A 274 -13.84 6.82 -22.91
N ARG A 275 -13.28 7.26 -21.78
CA ARG A 275 -12.21 8.24 -21.81
C ARG A 275 -11.00 7.67 -22.54
N ALA A 276 -10.51 8.42 -23.53
CA ALA A 276 -9.37 7.99 -24.33
C ALA A 276 -9.63 6.77 -25.21
N SER A 277 -10.91 6.54 -25.52
CA SER A 277 -11.36 5.40 -26.30
C SER A 277 -11.15 5.59 -27.80
N SER A 278 -11.33 6.83 -28.25
CA SER A 278 -11.17 7.17 -29.64
C SER A 278 -10.79 8.64 -29.75
N GLY A 279 -10.40 9.02 -30.96
CA GLY A 279 -10.22 10.41 -31.26
C GLY A 279 -8.77 10.82 -31.27
N ASP A 280 -8.59 12.11 -31.07
CA ASP A 280 -7.25 12.69 -30.97
C ASP A 280 -6.60 12.45 -29.59
N LEU A 281 -7.36 11.81 -28.72
CA LEU A 281 -7.05 11.68 -27.32
C LEU A 281 -6.96 10.21 -26.94
N ASP A 282 -6.86 9.33 -27.95
CA ASP A 282 -7.03 7.91 -27.72
C ASP A 282 -5.72 7.27 -27.29
N ASN A 283 -5.84 6.33 -26.37
CA ASN A 283 -4.68 5.62 -25.89
C ASN A 283 -4.43 4.30 -26.56
N THR A 284 -5.31 3.86 -27.44
CA THR A 284 -5.30 2.46 -27.92
C THR A 284 -4.01 2.06 -28.63
N ALA A 285 -3.40 3.00 -29.37
CA ALA A 285 -2.11 2.70 -29.98
C ALA A 285 -0.94 2.89 -29.02
N ILE A 286 -1.11 3.82 -28.07
CA ILE A 286 -0.07 4.09 -27.07
C ILE A 286 0.11 2.91 -26.13
N ILE A 287 -1.00 2.25 -25.78
CA ILE A 287 -0.94 0.97 -25.07
C ILE A 287 -0.12 -0.07 -25.81
N ASP A 288 -0.48 -0.29 -27.06
CA ASP A 288 0.22 -1.27 -27.88
C ASP A 288 1.71 -0.98 -28.05
N GLN A 289 2.03 0.31 -28.13
CA GLN A 289 3.41 0.77 -28.08
C GLN A 289 4.14 0.42 -26.79
N ILE A 290 3.51 0.72 -25.67
CA ILE A 290 4.04 0.36 -24.36
C ILE A 290 4.29 -1.14 -24.23
N LEU A 291 3.31 -1.92 -24.64
CA LEU A 291 3.42 -3.37 -24.53
C LEU A 291 4.52 -3.96 -25.39
N LYS A 292 4.70 -3.40 -26.59
CA LYS A 292 5.82 -3.74 -27.47
C LYS A 292 7.19 -3.41 -26.87
N LEU A 293 7.34 -2.19 -26.35
CA LEU A 293 8.62 -1.80 -25.76
C LEU A 293 8.97 -2.56 -24.51
N ARG A 294 7.94 -2.89 -23.73
CA ARG A 294 8.12 -3.79 -22.59
C ARG A 294 8.61 -5.17 -22.98
N LEU A 295 8.13 -5.66 -24.10
CA LEU A 295 8.61 -6.92 -24.62
C LEU A 295 10.06 -6.86 -25.09
N GLU A 296 10.41 -5.75 -25.75
CA GLU A 296 11.81 -5.51 -26.11
C GLU A 296 12.74 -5.42 -24.90
N LYS A 297 12.26 -4.76 -23.84
CA LYS A 297 12.98 -4.72 -22.58
C LYS A 297 13.18 -6.09 -21.97
N ALA A 298 12.11 -6.89 -21.94
CA ALA A 298 12.21 -8.23 -21.40
C ALA A 298 13.19 -9.09 -22.15
N LYS A 299 13.18 -8.96 -23.47
CA LYS A 299 14.06 -9.78 -24.27
C LYS A 299 15.52 -9.38 -24.16
N LEU A 300 15.82 -8.08 -24.04
CA LEU A 300 17.19 -7.68 -23.75
C LEU A 300 17.72 -8.17 -22.43
N LEU A 301 16.83 -8.24 -21.45
CA LEU A 301 17.22 -8.78 -20.15
C LEU A 301 17.13 -10.30 -20.12
N GLY A 302 16.72 -10.93 -21.22
CA GLY A 302 16.79 -12.38 -21.30
C GLY A 302 15.52 -13.11 -20.88
N TYR A 303 14.46 -12.36 -20.61
CA TYR A 303 13.21 -12.92 -20.14
C TYR A 303 12.26 -13.06 -21.31
N ARG A 304 11.29 -13.98 -21.19
CA ARG A 304 10.37 -14.22 -22.30
C ARG A 304 9.38 -13.08 -22.57
N ASN A 305 8.93 -12.46 -21.49
CA ASN A 305 7.85 -11.50 -21.52
C ASN A 305 8.04 -10.58 -20.34
N TYR A 306 7.30 -9.47 -20.31
CA TYR A 306 7.51 -8.53 -19.23
C TYR A 306 6.99 -9.00 -17.88
N ALA A 307 5.98 -9.89 -17.87
CA ALA A 307 5.55 -10.49 -16.61
C ALA A 307 6.64 -11.30 -15.93
N GLU A 308 7.43 -12.00 -16.73
CA GLU A 308 8.61 -12.73 -16.25
C GLU A 308 9.65 -11.83 -15.58
N VAL A 309 9.78 -10.61 -16.10
CA VAL A 309 10.72 -9.63 -15.55
C VAL A 309 10.23 -9.10 -14.22
N SER A 310 8.93 -8.75 -14.17
CA SER A 310 8.32 -8.29 -12.94
C SER A 310 8.40 -9.34 -11.83
N MET A 311 8.05 -10.57 -12.21
CA MET A 311 7.98 -11.67 -11.27
C MET A 311 9.33 -12.11 -10.72
N ALA A 312 10.41 -11.63 -11.35
CA ALA A 312 11.78 -11.85 -10.91
C ALA A 312 12.12 -11.27 -9.54
N THR A 313 11.21 -10.48 -8.99
CA THR A 313 11.40 -9.82 -7.70
C THR A 313 10.18 -10.03 -6.80
N LYS A 314 9.35 -11.02 -7.13
CA LYS A 314 8.12 -11.28 -6.41
C LYS A 314 8.20 -12.62 -5.72
N MET A 315 7.31 -12.83 -4.76
CA MET A 315 7.09 -14.15 -4.19
C MET A 315 6.38 -15.05 -5.19
N ALA A 316 5.52 -14.47 -5.99
CA ALA A 316 4.77 -15.22 -6.97
C ALA A 316 5.60 -15.59 -8.19
N THR A 317 4.98 -16.38 -9.02
CA THR A 317 5.44 -16.62 -10.38
C THR A 317 4.25 -16.40 -11.30
N VAL A 318 4.50 -16.24 -12.60
CA VAL A 318 3.38 -16.10 -13.54
C VAL A 318 2.40 -17.24 -13.46
N GLU A 319 2.94 -18.45 -13.36
CA GLU A 319 2.08 -19.62 -13.30
C GLU A 319 1.29 -19.73 -12.00
N LYS A 320 1.93 -19.37 -10.90
CA LYS A 320 1.24 -19.41 -9.62
C LYS A 320 0.25 -18.27 -9.43
N ALA A 321 0.57 -17.11 -9.98
CA ALA A 321 -0.36 -15.98 -9.98
C ALA A 321 -1.56 -16.27 -10.86
N ASP A 322 -1.32 -16.78 -12.07
CA ASP A 322 -2.41 -17.23 -12.94
C ASP A 322 -3.31 -18.26 -12.26
N GLU A 323 -2.67 -19.25 -11.64
CA GLU A 323 -3.38 -20.27 -10.86
C GLU A 323 -4.29 -19.72 -9.75
N LEU A 324 -3.72 -18.86 -8.90
CA LEU A 324 -4.47 -18.30 -7.78
C LEU A 324 -5.64 -17.46 -8.23
N LEU A 325 -5.41 -16.60 -9.21
CA LEU A 325 -6.45 -15.69 -9.64
C LEU A 325 -7.63 -16.43 -10.26
N GLU A 326 -7.33 -17.49 -11.00
CA GLU A 326 -8.38 -18.36 -11.48
C GLU A 326 -9.17 -19.07 -10.37
N LYS A 327 -8.46 -19.54 -9.33
CA LYS A 327 -9.15 -20.12 -8.17
C LYS A 327 -10.11 -19.16 -7.51
N LEU A 328 -9.65 -17.93 -7.32
CA LEU A 328 -10.50 -16.90 -6.75
C LEU A 328 -11.68 -16.55 -7.66
N ARG A 329 -11.40 -16.40 -8.95
CA ARG A 329 -12.44 -16.05 -9.90
C ARG A 329 -13.54 -17.09 -9.98
N SER A 330 -13.15 -18.35 -9.98
CA SER A 330 -14.13 -19.42 -9.92
C SER A 330 -15.05 -19.35 -8.68
N ALA A 331 -14.44 -19.22 -7.49
CA ALA A 331 -15.25 -19.18 -6.26
C ALA A 331 -16.07 -17.91 -6.12
N SER A 332 -15.58 -16.86 -6.73
CA SER A 332 -16.23 -15.57 -6.62
C SER A 332 -17.41 -15.44 -7.56
N TRP A 333 -17.48 -16.26 -8.60
CA TRP A 333 -18.47 -16.01 -9.64
C TRP A 333 -19.91 -16.20 -9.19
N ASP A 334 -20.23 -17.32 -8.54
CA ASP A 334 -21.62 -17.54 -8.16
C ASP A 334 -22.18 -16.54 -7.14
N PRO A 335 -21.45 -16.22 -6.06
CA PRO A 335 -21.69 -15.01 -5.29
C PRO A 335 -21.95 -13.73 -6.07
N ALA A 336 -21.17 -13.47 -7.11
CA ALA A 336 -21.35 -12.26 -7.92
C ALA A 336 -22.67 -12.22 -8.70
N VAL A 337 -23.12 -13.37 -9.19
CA VAL A 337 -24.42 -13.39 -9.86
C VAL A 337 -25.56 -13.26 -8.86
N GLN A 338 -25.36 -13.84 -7.68
CA GLN A 338 -26.26 -13.60 -6.57
C GLN A 338 -26.39 -12.14 -6.19
N ASP A 339 -25.24 -11.47 -6.06
CA ASP A 339 -25.21 -10.03 -5.77
C ASP A 339 -26.09 -9.19 -6.70
N ILE A 340 -26.12 -9.55 -7.99
CA ILE A 340 -27.00 -8.87 -8.95
C ILE A 340 -28.46 -9.19 -8.74
N GLU A 341 -28.72 -10.45 -8.42
CA GLU A 341 -30.10 -10.84 -8.16
C GLU A 341 -30.65 -10.26 -6.85
N ASP A 342 -29.78 -10.07 -5.87
CA ASP A 342 -30.09 -9.27 -4.69
C ASP A 342 -30.53 -7.85 -5.01
N LEU A 343 -29.85 -7.22 -5.97
CA LEU A 343 -30.22 -5.88 -6.39
C LEU A 343 -31.51 -5.85 -7.17
N LYS A 344 -31.65 -6.76 -8.13
CA LYS A 344 -32.90 -6.81 -8.89
C LYS A 344 -34.12 -7.08 -8.02
N SER A 345 -33.95 -7.95 -7.04
CA SER A 345 -34.92 -8.18 -5.99
C SER A 345 -35.23 -6.93 -5.17
N PHE A 346 -34.18 -6.28 -4.68
CA PHE A 346 -34.37 -5.11 -3.85
C PHE A 346 -34.99 -3.93 -4.58
N ALA A 347 -34.53 -3.67 -5.80
CA ALA A 347 -35.11 -2.58 -6.60
C ALA A 347 -36.55 -2.84 -7.03
N LYS A 348 -36.92 -4.12 -7.17
CA LYS A 348 -38.33 -4.50 -7.35
C LYS A 348 -39.19 -4.14 -6.16
N ASN A 349 -38.65 -4.41 -4.96
CA ASN A 349 -39.29 -4.01 -3.70
C ASN A 349 -39.48 -2.50 -3.59
N GLN A 350 -38.48 -1.78 -4.05
CA GLN A 350 -38.55 -0.32 -3.99
C GLN A 350 -39.29 0.28 -5.19
N GLY A 351 -39.75 -0.56 -6.12
CA GLY A 351 -40.70 -0.06 -7.11
C GLY A 351 -40.10 0.62 -8.32
N ALA A 352 -38.80 0.50 -8.52
CA ALA A 352 -38.16 1.18 -9.63
C ALA A 352 -38.39 0.42 -10.90
N ALA A 353 -38.65 1.14 -11.98
CA ALA A 353 -38.77 0.47 -13.29
C ALA A 353 -37.42 0.01 -13.85
N GLU A 354 -36.37 0.54 -13.24
CA GLU A 354 -35.01 0.06 -13.41
C GLU A 354 -34.81 -1.41 -13.03
N ALA A 355 -35.62 -1.92 -12.10
CA ALA A 355 -35.55 -3.31 -11.73
C ALA A 355 -35.94 -4.22 -12.90
N ASP A 356 -35.39 -5.42 -12.90
CA ASP A 356 -35.55 -6.32 -14.04
C ASP A 356 -34.74 -5.92 -15.28
N SER A 357 -34.11 -4.76 -15.22
CA SER A 357 -33.45 -4.13 -16.34
C SER A 357 -32.14 -3.47 -15.93
N LEU A 358 -31.62 -3.86 -14.77
CA LEU A 358 -30.44 -3.21 -14.21
C LEU A 358 -29.21 -3.47 -15.07
N THR A 359 -28.45 -2.41 -15.27
CA THR A 359 -27.18 -2.49 -15.96
C THR A 359 -26.20 -1.55 -15.28
N HIS A 360 -25.01 -1.45 -15.87
CA HIS A 360 -23.83 -0.82 -15.28
C HIS A 360 -24.01 0.44 -14.45
N TRP A 361 -24.69 1.43 -15.03
CA TRP A 361 -24.92 2.71 -14.35
C TRP A 361 -25.88 2.65 -13.16
N ASP A 362 -26.60 1.54 -13.03
CA ASP A 362 -27.52 1.35 -11.93
C ASP A 362 -26.89 0.66 -10.74
N ILE A 363 -25.84 -0.14 -10.98
CA ILE A 363 -25.39 -1.11 -9.96
C ILE A 363 -24.80 -0.44 -8.73
N THR A 364 -24.01 0.60 -8.99
CA THR A 364 -23.34 1.36 -7.94
C THR A 364 -24.35 2.00 -7.00
N PHE A 365 -25.40 2.56 -7.62
CA PHE A 365 -26.52 3.20 -6.96
C PHE A 365 -27.29 2.20 -6.12
N TRP A 366 -27.75 1.13 -6.76
CA TRP A 366 -28.60 0.19 -6.06
C TRP A 366 -27.93 -0.59 -4.96
N SER A 367 -26.64 -0.82 -5.13
CA SER A 367 -25.80 -1.35 -4.07
C SER A 367 -25.84 -0.52 -2.81
N GLU A 368 -25.76 0.79 -3.01
CA GLU A 368 -25.76 1.72 -1.91
C GLU A 368 -27.10 1.76 -1.20
N ARG A 369 -28.15 1.65 -1.99
CA ARG A 369 -29.48 1.59 -1.46
C ARG A 369 -29.75 0.36 -0.60
N LEU A 370 -29.29 -0.78 -1.10
CA LEU A 370 -29.32 -2.03 -0.36
C LEU A 370 -28.43 -1.99 0.88
N ARG A 371 -27.23 -1.40 0.76
CA ARG A 371 -26.38 -1.10 1.92
C ARG A 371 -27.12 -0.38 3.02
N GLU A 372 -27.70 0.75 2.61
CA GLU A 372 -28.39 1.64 3.52
C GLU A 372 -29.54 0.94 4.24
N SER A 373 -30.22 0.06 3.52
CA SER A 373 -31.30 -0.70 4.12
C SER A 373 -30.83 -1.77 5.10
N LYS A 374 -29.99 -2.69 4.66
CA LYS A 374 -29.70 -3.87 5.48
C LYS A 374 -28.44 -3.75 6.33
N TYR A 375 -27.38 -3.21 5.73
CA TYR A 375 -26.03 -3.46 6.26
C TYR A 375 -25.46 -2.24 6.98
N ASP A 376 -26.23 -1.17 7.07
CA ASP A 376 -25.73 0.12 7.53
C ASP A 376 -25.50 0.21 9.03
N ILE A 377 -24.39 0.83 9.39
CA ILE A 377 -23.95 0.97 10.77
C ILE A 377 -23.82 2.45 11.04
N ASN A 378 -24.51 2.91 12.08
CA ASN A 378 -24.44 4.32 12.49
C ASN A 378 -23.13 4.58 13.23
N GLU A 379 -22.22 5.26 12.55
CA GLU A 379 -20.87 5.44 13.11
C GLU A 379 -20.79 6.39 14.30
N GLU A 380 -21.84 7.17 14.52
CA GLU A 380 -21.90 7.99 15.74
C GLU A 380 -22.27 7.16 16.96
N GLU A 381 -22.94 6.03 16.77
CA GLU A 381 -23.24 5.13 17.88
C GLU A 381 -22.36 3.89 17.84
N LEU A 382 -21.16 4.12 17.33
CA LEU A 382 -20.10 3.13 17.30
C LEU A 382 -18.84 3.77 17.88
N ARG A 383 -18.57 5.02 17.50
CA ARG A 383 -17.52 5.82 18.13
C ARG A 383 -17.39 5.84 19.66
N PRO A 384 -18.46 5.98 20.46
CA PRO A 384 -18.37 5.89 21.92
C PRO A 384 -17.70 4.65 22.50
N TYR A 385 -17.71 3.57 21.73
CA TYR A 385 -17.16 2.32 22.21
C TYR A 385 -15.64 2.23 21.98
N PHE A 386 -15.13 3.02 21.03
CA PHE A 386 -13.74 2.91 20.65
C PHE A 386 -12.97 4.12 21.12
N SER A 387 -12.43 4.00 22.31
CA SER A 387 -11.63 5.06 22.87
C SER A 387 -10.16 4.72 22.66
N LEU A 388 -9.40 5.62 22.05
CA LEU A 388 -7.96 5.46 21.76
C LEU A 388 -7.09 4.79 22.81
N PRO A 389 -7.02 5.28 24.05
CA PRO A 389 -6.19 4.64 25.05
C PRO A 389 -6.57 3.21 25.39
N LYS A 390 -7.86 2.92 25.40
CA LYS A 390 -8.32 1.54 25.50
C LYS A 390 -7.89 0.68 24.31
N VAL A 391 -8.07 1.21 23.09
CA VAL A 391 -7.66 0.54 21.86
C VAL A 391 -6.19 0.19 21.81
N MET A 392 -5.35 1.16 22.16
CA MET A 392 -3.91 0.94 22.13
C MET A 392 -3.44 0.00 23.21
N ASP A 393 -4.09 0.06 24.37
CA ASP A 393 -3.86 -0.96 25.39
C ASP A 393 -4.17 -2.37 24.94
N ALA A 394 -5.32 -2.51 24.31
CA ALA A 394 -5.71 -3.79 23.79
C ALA A 394 -4.79 -4.30 22.68
N LEU A 395 -4.34 -3.37 21.84
CA LEU A 395 -3.38 -3.70 20.80
C LEU A 395 -2.04 -4.17 21.37
N PHE A 396 -1.53 -3.46 22.37
CA PHE A 396 -0.28 -3.89 22.99
C PHE A 396 -0.43 -5.15 23.84
N GLY A 397 -1.63 -5.39 24.33
CA GLY A 397 -1.89 -6.62 25.07
C GLY A 397 -2.04 -7.84 24.18
N LEU A 398 -2.67 -7.62 23.03
CA LEU A 398 -2.70 -8.57 21.92
C LEU A 398 -1.31 -8.93 21.43
N ALA A 399 -0.45 -7.92 21.30
CA ALA A 399 0.93 -8.17 20.94
C ALA A 399 1.72 -8.90 22.01
N LYS A 400 1.40 -8.71 23.30
CA LYS A 400 2.00 -9.55 24.35
C LYS A 400 1.50 -10.98 24.31
N THR A 401 0.20 -11.14 24.09
CA THR A 401 -0.38 -12.45 24.00
C THR A 401 0.21 -13.25 22.85
N LEU A 402 0.14 -12.66 21.66
CA LEU A 402 0.60 -13.32 20.46
C LEU A 402 2.12 -13.47 20.42
N PHE A 403 2.82 -12.37 20.60
CA PHE A 403 4.21 -12.34 20.16
C PHE A 403 5.19 -12.30 21.32
N GLY A 404 4.69 -12.09 22.54
CA GLY A 404 5.55 -12.30 23.69
C GLY A 404 6.29 -11.06 24.15
N ILE A 405 5.89 -9.91 23.63
CA ILE A 405 6.59 -8.67 23.90
C ILE A 405 5.82 -7.81 24.90
N ASP A 406 6.56 -7.03 25.67
CA ASP A 406 5.95 -6.06 26.55
C ASP A 406 6.22 -4.69 25.95
N VAL A 407 5.16 -3.96 25.63
CA VAL A 407 5.33 -2.56 25.28
C VAL A 407 5.30 -1.76 26.59
N VAL A 408 6.35 -1.00 26.83
CA VAL A 408 6.58 -0.29 28.09
C VAL A 408 6.87 1.18 27.76
N PRO A 409 6.24 2.15 28.43
CA PRO A 409 6.59 3.57 28.29
C PRO A 409 8.05 3.85 28.53
N ALA A 410 8.63 4.63 27.64
CA ALA A 410 10.05 4.96 27.66
C ALA A 410 10.24 6.45 27.45
N ASP A 411 9.19 7.21 27.74
CA ASP A 411 9.13 8.65 27.55
C ASP A 411 10.31 9.38 28.17
N GLY A 412 11.07 10.09 27.34
CA GLY A 412 12.23 10.82 27.85
C GLY A 412 13.56 10.23 27.43
N VAL A 413 13.53 8.97 26.99
CA VAL A 413 14.71 8.34 26.41
C VAL A 413 15.11 8.96 25.08
N ALA A 414 14.10 9.28 24.28
CA ALA A 414 14.30 9.90 22.98
C ALA A 414 13.60 11.26 22.94
N PRO A 415 14.21 12.25 22.26
CA PRO A 415 13.59 13.56 22.07
C PRO A 415 12.50 13.53 21.03
N VAL A 416 11.62 14.52 21.12
CA VAL A 416 10.32 14.46 20.51
C VAL A 416 9.92 15.81 19.93
N TRP A 417 9.04 15.79 18.95
CA TRP A 417 8.70 16.99 18.20
C TRP A 417 7.42 17.69 18.65
N ASN A 418 6.64 17.05 19.52
CA ASN A 418 5.39 17.60 20.07
C ASN A 418 5.27 16.98 21.43
N SER A 419 4.86 17.74 22.42
CA SER A 419 4.65 17.23 23.79
C SER A 419 3.77 16.01 23.96
N ASP A 420 2.87 15.77 23.02
CA ASP A 420 2.02 14.59 23.11
C ASP A 420 2.62 13.30 22.57
N VAL A 421 3.80 13.37 21.96
CA VAL A 421 4.35 12.19 21.29
C VAL A 421 4.93 11.27 22.33
N ARG A 422 4.40 10.06 22.33
CA ARG A 422 4.85 9.05 23.26
C ARG A 422 6.02 8.27 22.68
N PHE A 423 6.81 7.69 23.57
CA PHE A 423 7.93 6.86 23.18
C PHE A 423 7.92 5.60 24.01
N TYR A 424 7.94 4.45 23.36
CA TYR A 424 7.82 3.17 24.04
C TYR A 424 9.03 2.31 23.75
N CYS A 425 9.44 1.53 24.74
CA CYS A 425 10.39 0.44 24.52
C CYS A 425 9.62 -0.87 24.41
N VAL A 426 9.98 -1.69 23.45
CA VAL A 426 9.45 -3.04 23.31
C VAL A 426 10.45 -3.97 23.95
N LYS A 427 10.08 -4.59 25.05
CA LYS A 427 10.96 -5.51 25.77
C LYS A 427 10.58 -6.93 25.43
N ASP A 428 11.61 -7.77 25.36
CA ASP A 428 11.40 -9.18 25.11
C ASP A 428 10.92 -9.88 26.38
N SER A 429 10.74 -11.18 26.26
CA SER A 429 10.35 -12.06 27.37
C SER A 429 11.23 -11.99 28.60
N SER A 430 12.47 -11.59 28.43
CA SER A 430 13.45 -11.63 29.50
C SER A 430 13.75 -10.26 30.10
N GLY A 431 13.17 -9.19 29.56
CA GLY A 431 13.33 -7.87 30.16
C GLY A 431 14.27 -6.92 29.44
N ASN A 432 14.89 -7.44 28.38
CA ASN A 432 15.81 -6.68 27.56
C ASN A 432 15.03 -5.95 26.47
N PRO A 433 15.41 -4.72 26.10
CA PRO A 433 14.87 -4.05 24.92
C PRO A 433 15.10 -4.83 23.63
N THR A 434 14.06 -4.93 22.82
CA THR A 434 14.19 -5.43 21.46
C THR A 434 14.18 -4.27 20.48
N ALA A 435 13.39 -3.24 20.76
CA ALA A 435 13.12 -2.18 19.79
C ALA A 435 12.43 -1.02 20.49
N TYR A 436 12.38 0.15 19.84
CA TYR A 436 11.65 1.29 20.40
C TYR A 436 10.73 1.86 19.35
N PHE A 437 9.64 2.48 19.76
CA PHE A 437 8.82 3.18 18.79
C PHE A 437 8.25 4.46 19.35
N TYR A 438 8.04 5.41 18.45
CA TYR A 438 7.36 6.64 18.79
C TYR A 438 5.88 6.51 18.42
N PHE A 439 5.04 7.25 19.12
CA PHE A 439 3.62 7.29 18.83
C PHE A 439 3.10 8.70 18.88
N ASP A 440 2.57 9.18 17.76
CA ASP A 440 2.00 10.53 17.65
C ASP A 440 0.50 10.42 17.36
N PRO A 441 -0.35 10.53 18.38
CA PRO A 441 -1.73 10.10 18.24
C PRO A 441 -2.71 11.12 17.68
N TYR A 442 -2.48 12.40 17.97
CA TYR A 442 -3.60 13.36 17.88
C TYR A 442 -3.41 14.26 16.70
N SER A 443 -4.50 14.54 15.99
CA SER A 443 -4.42 15.40 14.82
C SER A 443 -4.11 16.86 15.12
N ARG A 444 -3.30 17.43 14.24
CA ARG A 444 -2.85 18.81 14.28
C ARG A 444 -2.89 19.36 12.86
N PRO A 445 -4.05 19.73 12.31
CA PRO A 445 -4.18 19.93 10.87
C PRO A 445 -3.45 21.13 10.28
N SER A 446 -2.97 21.98 11.15
CA SER A 446 -1.97 22.99 10.83
C SER A 446 -0.66 22.46 10.27
N GLU A 447 -0.16 21.38 10.83
CA GLU A 447 1.23 20.99 10.65
C GLU A 447 1.42 19.52 10.34
N LYS A 448 0.34 18.74 10.29
CA LYS A 448 0.45 17.28 10.34
C LYS A 448 -0.44 16.69 9.29
N ARG A 449 0.12 15.76 8.50
CA ARG A 449 -0.64 15.00 7.52
C ARG A 449 -1.69 14.14 8.19
N ASP A 450 -2.84 14.01 7.54
CA ASP A 450 -3.93 13.20 8.06
C ASP A 450 -3.67 11.70 7.94
N GLY A 451 -4.48 10.90 8.62
CA GLY A 451 -4.49 9.47 8.36
C GLY A 451 -3.79 8.71 9.45
N ALA A 452 -3.25 7.55 9.09
CA ALA A 452 -2.35 6.83 9.97
C ALA A 452 -1.29 6.14 9.13
N TRP A 453 -0.08 6.08 9.67
CA TRP A 453 1.01 5.45 8.97
C TRP A 453 1.98 4.86 9.95
N MET A 454 2.77 3.92 9.43
CA MET A 454 3.94 3.40 10.10
C MET A 454 5.11 3.90 9.30
N ASP A 455 6.20 4.20 9.97
CA ASP A 455 7.42 4.62 9.29
C ASP A 455 8.61 4.09 10.05
N GLU A 456 9.77 4.12 9.42
CA GLU A 456 10.95 3.46 9.92
C GLU A 456 11.95 4.51 10.39
N VAL A 457 12.51 4.34 11.59
CA VAL A 457 13.49 5.30 12.10
C VAL A 457 14.90 4.75 11.94
N PHE A 458 15.15 3.59 12.55
CA PHE A 458 16.39 2.86 12.31
C PHE A 458 16.02 1.43 11.95
N SER A 459 16.87 0.78 11.15
CA SER A 459 16.75 -0.68 11.01
C SER A 459 17.59 -1.39 12.06
N ARG A 460 17.24 -2.64 12.35
CA ARG A 460 18.12 -3.48 13.17
C ARG A 460 19.43 -3.74 12.43
N SER A 461 20.58 -3.53 13.07
CA SER A 461 21.84 -3.73 12.37
C SER A 461 22.97 -4.15 13.28
N ARG A 462 23.70 -5.20 12.87
CA ARG A 462 25.02 -5.50 13.41
C ARG A 462 26.02 -4.36 13.20
N VAL A 463 26.15 -3.96 11.94
CA VAL A 463 27.14 -2.96 11.54
C VAL A 463 26.96 -1.59 12.18
N MET A 464 25.71 -1.19 12.38
CA MET A 464 25.47 0.16 12.88
C MET A 464 25.33 0.21 14.39
N ALA A 465 25.74 -0.85 15.08
CA ALA A 465 25.75 -0.87 16.54
C ALA A 465 26.84 0.06 17.06
N GLN A 466 26.61 0.70 18.19
CA GLN A 466 27.72 1.42 18.82
C GLN A 466 28.64 0.44 19.55
N LYS A 467 29.90 0.85 19.74
CA LYS A 467 30.92 0.02 20.38
C LYS A 467 30.45 -0.61 21.69
N GLY A 468 30.59 -1.93 21.75
CA GLY A 468 30.16 -2.64 22.94
C GLY A 468 28.82 -3.32 22.76
N SER A 469 27.93 -2.70 21.99
CA SER A 469 26.65 -3.32 21.67
C SER A 469 26.85 -4.24 20.47
N SER A 470 26.10 -5.32 20.41
CA SER A 470 26.24 -6.24 19.28
C SER A 470 25.36 -5.87 18.10
N VAL A 471 24.31 -5.13 18.37
CA VAL A 471 23.34 -4.81 17.36
C VAL A 471 22.83 -3.42 17.71
N ARG A 472 22.50 -2.62 16.70
CA ARG A 472 21.61 -1.49 16.93
C ARG A 472 20.19 -2.03 16.88
N LEU A 473 19.38 -1.63 17.85
CA LEU A 473 17.98 -2.05 17.85
C LEU A 473 17.14 -1.21 16.90
N PRO A 474 16.11 -1.79 16.26
CA PRO A 474 15.27 -1.05 15.33
C PRO A 474 14.39 -0.03 16.04
N VAL A 475 14.02 0.99 15.29
CA VAL A 475 13.14 2.04 15.81
C VAL A 475 12.09 2.37 14.77
N ALA A 476 10.87 2.62 15.23
CA ALA A 476 9.71 2.80 14.36
C ALA A 476 8.88 4.01 14.74
N GLN A 477 8.12 4.49 13.77
CA GLN A 477 7.10 5.50 13.97
C GLN A 477 5.73 4.85 13.85
N MET A 478 4.84 5.18 14.77
CA MET A 478 3.42 5.01 14.54
C MET A 478 2.80 6.40 14.62
N VAL A 479 1.91 6.70 13.68
CA VAL A 479 1.20 7.98 13.67
C VAL A 479 -0.28 7.71 13.44
N CYS A 480 -1.14 8.42 14.16
CA CYS A 480 -2.55 8.48 13.78
C CYS A 480 -3.09 9.88 14.03
N ASN A 481 -4.40 10.06 13.87
CA ASN A 481 -4.95 11.39 13.75
C ASN A 481 -6.28 11.54 14.45
N GLN A 482 -6.31 11.21 15.74
CA GLN A 482 -7.57 11.34 16.48
C GLN A 482 -7.72 12.75 17.05
N THR A 483 -8.97 13.16 17.30
CA THR A 483 -9.24 14.39 18.03
C THR A 483 -8.80 14.22 19.50
N PRO A 484 -7.97 15.11 20.07
CA PRO A 484 -7.45 14.92 21.41
C PRO A 484 -8.52 14.94 22.49
N PRO A 485 -8.23 14.42 23.68
CA PRO A 485 -9.24 14.26 24.73
C PRO A 485 -9.53 15.60 25.38
N VAL A 486 -10.82 15.86 25.62
CA VAL A 486 -11.24 17.15 26.13
C VAL A 486 -12.32 16.94 27.18
N GLY A 487 -11.96 17.15 28.42
CA GLY A 487 -12.97 17.17 29.46
C GLY A 487 -13.22 15.77 29.97
N ASP A 488 -14.46 15.34 29.80
CA ASP A 488 -14.81 13.93 30.00
C ASP A 488 -14.43 13.07 28.79
N LYS A 489 -14.50 13.65 27.60
CA LYS A 489 -14.54 12.84 26.39
C LYS A 489 -13.11 12.43 26.02
N PRO A 490 -12.82 11.12 25.85
CA PRO A 490 -11.52 10.68 25.39
C PRO A 490 -11.41 10.81 23.88
N SER A 491 -10.28 10.38 23.34
CA SER A 491 -10.14 10.38 21.89
C SER A 491 -10.91 9.21 21.31
N LEU A 492 -12.10 9.47 20.76
CA LEU A 492 -12.86 8.38 20.16
C LEU A 492 -12.37 8.10 18.74
N MET A 493 -12.62 6.86 18.31
CA MET A 493 -12.17 6.33 17.05
C MET A 493 -13.33 5.72 16.29
N THR A 494 -13.23 5.70 14.98
CA THR A 494 -14.13 4.91 14.14
C THR A 494 -13.61 3.48 14.13
N PHE A 495 -14.47 2.51 13.87
CA PHE A 495 -13.99 1.13 13.68
C PHE A 495 -12.91 0.98 12.60
N ARG A 496 -13.08 1.73 11.51
CA ARG A 496 -12.08 1.78 10.47
C ARG A 496 -10.73 2.36 10.91
N GLU A 497 -10.78 3.32 11.83
CA GLU A 497 -9.56 3.90 12.34
C GLU A 497 -8.79 2.91 13.22
N VAL A 498 -9.54 2.14 14.02
CA VAL A 498 -9.01 1.05 14.84
C VAL A 498 -8.35 0.00 13.96
N GLU A 499 -9.09 -0.42 12.94
CA GLU A 499 -8.62 -1.32 11.92
C GLU A 499 -7.31 -0.89 11.25
N THR A 500 -7.22 0.42 10.99
CA THR A 500 -6.03 0.95 10.35
C THR A 500 -4.84 1.01 11.30
N VAL A 501 -5.07 1.37 12.56
CA VAL A 501 -4.00 1.34 13.56
C VAL A 501 -3.49 -0.07 13.80
N PHE A 502 -4.40 -1.05 13.81
CA PHE A 502 -3.99 -2.46 13.87
C PHE A 502 -3.12 -2.89 12.69
N HIS A 503 -3.56 -2.52 11.49
CA HIS A 503 -2.78 -2.79 10.27
C HIS A 503 -1.37 -2.22 10.30
N GLU A 504 -1.31 -0.97 10.70
CA GLU A 504 -0.06 -0.25 10.70
C GLU A 504 0.86 -0.74 11.79
N PHE A 505 0.29 -1.14 12.91
CA PHE A 505 1.09 -1.78 13.94
C PHE A 505 1.68 -3.11 13.50
N GLY A 506 1.06 -3.76 12.51
CA GLY A 506 1.65 -5.01 12.03
C GLY A 506 2.87 -4.80 11.15
N HIS A 507 2.86 -3.71 10.39
CA HIS A 507 4.13 -3.30 9.77
C HIS A 507 5.17 -2.92 10.78
N ALA A 508 4.75 -2.20 11.81
CA ALA A 508 5.68 -1.83 12.86
C ALA A 508 6.25 -3.06 13.55
N LEU A 509 5.40 -4.02 13.86
CA LEU A 509 5.87 -5.26 14.47
C LEU A 509 6.86 -6.04 13.64
N GLN A 510 6.65 -6.13 12.33
CA GLN A 510 7.67 -6.78 11.49
C GLN A 510 8.98 -6.03 11.44
N HIS A 511 8.90 -4.71 11.45
CA HIS A 511 10.10 -3.90 11.53
C HIS A 511 10.86 -4.07 12.84
N MET A 512 10.10 -4.20 13.93
CA MET A 512 10.68 -4.10 15.26
C MET A 512 11.08 -5.44 15.85
N LEU A 513 10.31 -6.48 15.56
CA LEU A 513 10.56 -7.81 16.10
C LEU A 513 11.35 -8.69 15.14
N THR A 514 12.08 -8.05 14.24
CA THR A 514 13.01 -8.78 13.41
C THR A 514 14.18 -9.23 14.27
N LYS A 515 14.59 -10.47 14.03
CA LYS A 515 15.77 -11.02 14.68
C LYS A 515 16.97 -11.02 13.75
N GLU A 516 16.77 -10.56 12.51
CA GLU A 516 17.86 -10.54 11.55
C GLU A 516 18.83 -9.42 11.85
N ASP A 517 20.10 -9.77 11.98
CA ASP A 517 21.11 -8.76 12.30
C ASP A 517 21.78 -8.19 11.06
N GLU A 518 21.59 -8.84 9.90
CA GLU A 518 22.22 -8.34 8.68
C GLU A 518 21.38 -7.19 8.15
N GLY A 519 21.90 -5.97 8.25
CA GLY A 519 20.94 -4.89 8.35
C GLY A 519 20.31 -4.46 7.05
N LEU A 520 20.95 -4.73 5.92
CA LEU A 520 20.31 -4.49 4.62
C LEU A 520 19.18 -5.45 4.27
N VAL A 521 18.91 -6.40 5.16
CA VAL A 521 17.99 -7.47 4.88
C VAL A 521 17.04 -7.70 6.06
N ALA A 522 17.15 -6.84 7.08
CA ALA A 522 16.38 -6.98 8.30
C ALA A 522 15.08 -6.18 8.26
N GLY A 523 14.15 -6.61 9.10
CA GLY A 523 12.94 -5.82 9.25
C GLY A 523 11.97 -6.22 8.20
N ILE A 524 11.80 -5.27 7.29
CA ILE A 524 10.96 -5.42 6.10
C ILE A 524 11.83 -5.24 4.85
N ARG A 525 13.13 -4.95 5.05
CA ARG A 525 14.02 -4.72 3.93
C ARG A 525 14.17 -6.01 3.14
N ASN A 526 14.03 -5.90 1.83
CA ASN A 526 14.26 -7.07 0.98
C ASN A 526 13.18 -8.12 1.07
N ILE A 527 12.02 -7.75 1.62
CA ILE A 527 10.85 -8.62 1.49
C ILE A 527 10.19 -8.24 0.18
N GLU A 528 10.00 -9.24 -0.67
CA GLU A 528 9.35 -9.15 -1.97
C GLU A 528 7.99 -8.46 -1.87
N TRP A 529 7.71 -7.53 -2.78
CA TRP A 529 6.55 -6.63 -2.67
C TRP A 529 5.23 -7.29 -2.29
N ASP A 530 4.90 -8.35 -3.00
CA ASP A 530 3.66 -9.08 -2.79
C ASP A 530 3.56 -9.79 -1.44
N ALA A 531 4.67 -9.92 -0.72
CA ALA A 531 4.64 -10.44 0.64
C ALA A 531 4.67 -9.37 1.72
N VAL A 532 4.82 -8.10 1.36
CA VAL A 532 5.07 -7.06 2.37
C VAL A 532 3.86 -6.76 3.26
N GLU A 533 2.69 -6.97 2.66
CA GLU A 533 1.44 -6.63 3.33
C GLU A 533 0.84 -7.83 4.07
N LEU A 534 1.65 -8.86 4.29
CA LEU A 534 1.29 -9.98 5.13
C LEU A 534 1.00 -9.62 6.59
N PRO A 535 1.96 -9.15 7.40
CA PRO A 535 1.72 -8.98 8.84
C PRO A 535 0.70 -7.91 9.18
N SER A 536 0.61 -6.93 8.31
CA SER A 536 -0.32 -5.84 8.47
C SER A 536 -1.75 -6.24 8.17
N GLN A 537 -2.02 -6.76 6.98
CA GLN A 537 -3.34 -7.32 6.70
C GLN A 537 -3.73 -8.44 7.65
N PHE A 538 -2.74 -9.18 8.13
CA PHE A 538 -2.94 -10.12 9.23
C PHE A 538 -3.58 -9.49 10.44
N MET A 539 -2.94 -8.45 10.97
CA MET A 539 -3.37 -7.84 12.24
C MET A 539 -4.80 -7.29 12.21
N GLU A 540 -5.30 -6.94 11.03
CA GLU A 540 -6.67 -6.45 10.92
C GLU A 540 -7.72 -7.49 11.26
N ASN A 541 -7.43 -8.77 11.05
CA ASN A 541 -8.36 -9.86 11.38
C ASN A 541 -8.82 -9.88 12.84
N TRP A 542 -7.95 -9.44 13.74
CA TRP A 542 -8.30 -9.41 15.15
C TRP A 542 -9.37 -8.40 15.53
N CYS A 543 -9.56 -7.38 14.70
CA CYS A 543 -10.67 -6.43 14.92
C CYS A 543 -12.03 -7.02 14.70
N TYR A 544 -12.11 -8.11 13.94
CA TYR A 544 -13.37 -8.81 13.78
C TYR A 544 -13.46 -10.01 14.69
N HIS A 545 -12.36 -10.39 15.34
CA HIS A 545 -12.41 -11.47 16.32
C HIS A 545 -13.20 -11.01 17.53
N ARG A 546 -14.32 -11.72 17.78
CA ARG A 546 -15.28 -11.39 18.81
C ARG A 546 -14.72 -10.96 20.14
N ASP A 547 -13.89 -11.82 20.69
CA ASP A 547 -13.43 -11.63 22.05
C ASP A 547 -12.44 -10.49 22.17
N THR A 548 -11.68 -10.28 21.11
CA THR A 548 -10.76 -9.16 21.06
C THR A 548 -11.56 -7.87 20.93
N LEU A 549 -12.53 -7.87 20.01
CA LEU A 549 -13.32 -6.66 19.78
C LEU A 549 -14.15 -6.27 20.98
N MET A 550 -14.80 -7.26 21.59
CA MET A 550 -15.66 -6.98 22.73
C MET A 550 -14.88 -6.62 24.00
N SER A 551 -13.59 -6.93 24.04
CA SER A 551 -12.74 -6.38 25.09
C SER A 551 -12.41 -4.90 24.88
N ILE A 552 -12.31 -4.49 23.62
CA ILE A 552 -11.98 -3.12 23.26
C ILE A 552 -13.22 -2.26 23.36
N ALA A 553 -14.30 -2.79 22.82
CA ALA A 553 -15.46 -1.99 22.55
C ALA A 553 -16.32 -1.91 23.80
N LYS A 554 -16.03 -0.91 24.62
CA LYS A 554 -16.79 -0.59 25.82
C LYS A 554 -17.08 0.90 25.83
N HIS A 555 -18.36 1.21 25.97
CA HIS A 555 -18.85 2.59 25.89
C HIS A 555 -18.17 3.48 26.91
N TYR A 556 -17.60 4.60 26.46
CA TYR A 556 -16.84 5.46 27.35
C TYR A 556 -17.56 6.01 28.57
N GLN A 557 -18.90 6.06 28.50
CA GLN A 557 -19.70 6.52 29.62
C GLN A 557 -20.46 5.38 30.27
N THR A 558 -21.11 4.55 29.46
CA THR A 558 -21.98 3.50 30.02
C THR A 558 -21.13 2.40 30.68
N GLY A 559 -19.96 2.10 30.10
CA GLY A 559 -19.18 0.93 30.52
C GLY A 559 -19.54 -0.33 29.76
N GLU A 560 -20.74 -0.32 29.24
CA GLU A 560 -21.36 -1.40 28.52
C GLU A 560 -20.57 -1.81 27.28
N THR A 561 -20.46 -3.12 27.06
CA THR A 561 -19.91 -3.61 25.79
C THR A 561 -20.73 -3.21 24.59
N LEU A 562 -20.07 -3.27 23.43
CA LEU A 562 -20.77 -3.13 22.17
C LEU A 562 -21.97 -4.07 22.10
N PRO A 563 -23.18 -3.55 21.81
CA PRO A 563 -24.34 -4.37 21.58
C PRO A 563 -24.15 -5.41 20.50
N GLU A 564 -24.63 -6.60 20.81
CA GLU A 564 -24.41 -7.78 20.00
C GLU A 564 -24.94 -7.68 18.58
N ASN A 565 -26.04 -6.95 18.41
CA ASN A 565 -26.55 -6.68 17.06
C ASN A 565 -25.69 -5.74 16.23
N VAL A 566 -24.88 -4.91 16.88
CA VAL A 566 -23.95 -4.05 16.16
C VAL A 566 -22.82 -4.90 15.63
N TYR A 567 -22.30 -5.75 16.53
CA TYR A 567 -21.28 -6.71 16.16
C TYR A 567 -21.66 -7.57 14.96
N LYS A 568 -22.86 -8.13 15.00
CA LYS A 568 -23.32 -8.96 13.87
C LYS A 568 -23.44 -8.18 12.56
N LYS A 569 -23.86 -6.93 12.68
CA LYS A 569 -24.00 -6.06 11.52
C LYS A 569 -22.66 -5.64 10.94
N LEU A 570 -21.69 -5.43 11.84
CA LEU A 570 -20.29 -5.15 11.53
C LEU A 570 -19.66 -6.23 10.66
N LEU A 571 -19.93 -7.46 11.09
CA LEU A 571 -19.55 -8.64 10.33
C LEU A 571 -20.29 -8.76 9.01
N ALA A 572 -21.59 -8.51 9.01
CA ALA A 572 -22.38 -8.53 7.78
C ALA A 572 -21.89 -7.57 6.71
N ALA A 573 -21.55 -6.38 7.18
CA ALA A 573 -21.01 -5.33 6.34
C ALA A 573 -19.70 -5.69 5.69
N ARG A 574 -18.84 -6.39 6.42
CA ARG A 574 -17.56 -6.85 5.90
C ARG A 574 -17.67 -7.73 4.65
N THR A 575 -18.67 -8.61 4.68
CA THR A 575 -18.82 -9.58 3.62
C THR A 575 -19.67 -9.09 2.44
N PHE A 576 -20.32 -7.94 2.59
CA PHE A 576 -21.42 -7.48 1.72
C PHE A 576 -21.42 -7.86 0.24
N ARG A 577 -20.68 -7.14 -0.60
CA ARG A 577 -20.74 -7.50 -2.03
C ARG A 577 -19.47 -8.22 -2.45
N ALA A 578 -19.00 -9.10 -1.57
CA ALA A 578 -17.69 -9.73 -1.72
C ALA A 578 -17.43 -10.38 -3.07
N GLY A 579 -18.46 -11.00 -3.62
CA GLY A 579 -18.27 -11.70 -4.87
C GLY A 579 -18.14 -10.77 -6.04
N SER A 580 -18.99 -9.74 -6.04
CA SER A 580 -18.90 -8.68 -7.04
C SER A 580 -17.59 -7.92 -6.94
N LEU A 581 -17.20 -7.63 -5.70
CA LEU A 581 -15.95 -6.95 -5.41
C LEU A 581 -14.72 -7.71 -5.83
N SER A 582 -14.69 -8.98 -5.46
CA SER A 582 -13.64 -9.88 -5.87
C SER A 582 -13.50 -9.96 -7.37
N LEU A 583 -14.61 -10.17 -8.07
CA LEU A 583 -14.57 -10.23 -9.52
C LEU A 583 -14.06 -8.95 -10.18
N ARG A 584 -14.42 -7.80 -9.62
CA ARG A 584 -13.92 -6.54 -10.16
C ARG A 584 -12.41 -6.43 -10.06
N GLN A 585 -11.88 -6.77 -8.89
CA GLN A 585 -10.43 -6.79 -8.74
C GLN A 585 -9.74 -7.80 -9.64
N LEU A 586 -10.39 -8.94 -9.80
CA LEU A 586 -9.85 -9.99 -10.64
C LEU A 586 -9.87 -9.65 -12.12
N LYS A 587 -10.78 -8.80 -12.56
CA LYS A 587 -10.72 -8.23 -13.91
C LYS A 587 -9.37 -7.56 -14.17
N PHE A 588 -9.05 -6.60 -13.33
CA PHE A 588 -7.79 -5.87 -13.44
C PHE A 588 -6.56 -6.73 -13.33
N ALA A 589 -6.56 -7.62 -12.34
CA ALA A 589 -5.40 -8.48 -12.11
C ALA A 589 -5.11 -9.43 -13.25
N THR A 590 -6.20 -9.90 -13.85
CA THR A 590 -6.13 -10.87 -14.93
C THR A 590 -5.75 -10.21 -16.23
N VAL A 591 -6.31 -9.03 -16.54
CA VAL A 591 -5.97 -8.39 -17.80
C VAL A 591 -4.51 -7.94 -17.83
N ASP A 592 -4.04 -7.51 -16.65
CA ASP A 592 -2.66 -7.12 -16.46
C ASP A 592 -1.68 -8.27 -16.74
N LEU A 593 -1.96 -9.43 -16.16
CA LEU A 593 -1.15 -10.60 -16.51
C LEU A 593 -1.36 -11.09 -17.93
N GLU A 594 -2.59 -11.09 -18.46
CA GLU A 594 -2.84 -11.44 -19.86
C GLU A 594 -2.01 -10.61 -20.81
N LEU A 595 -2.12 -9.30 -20.66
CA LEU A 595 -1.45 -8.38 -21.56
C LEU A 595 0.06 -8.48 -21.53
N HIS A 596 0.62 -8.76 -20.35
CA HIS A 596 2.08 -8.86 -20.23
C HIS A 596 2.64 -10.27 -20.36
N THR A 597 1.75 -11.25 -20.54
CA THR A 597 2.17 -12.65 -20.63
C THR A 597 1.99 -13.11 -22.08
N LYS A 598 0.78 -13.00 -22.60
CA LYS A 598 0.39 -13.85 -23.72
C LYS A 598 -0.32 -13.11 -24.82
N TYR A 599 -0.14 -11.81 -24.84
CA TYR A 599 -0.63 -10.98 -25.91
C TYR A 599 0.55 -10.65 -26.79
N MET A 600 0.40 -10.81 -28.10
CA MET A 600 1.44 -10.30 -28.99
C MET A 600 1.06 -8.94 -29.52
N PRO A 601 1.84 -7.89 -29.25
CA PRO A 601 1.52 -6.56 -29.72
C PRO A 601 1.81 -6.43 -31.20
N GLY A 602 0.82 -5.93 -31.93
CA GLY A 602 0.92 -5.93 -33.38
C GLY A 602 0.52 -7.23 -34.03
N GLY A 603 0.00 -8.17 -33.23
CA GLY A 603 -0.25 -9.52 -33.68
C GLY A 603 -1.71 -9.72 -33.98
N ALA A 604 -2.13 -10.98 -33.93
CA ALA A 604 -3.44 -11.36 -34.44
C ALA A 604 -4.60 -10.71 -33.69
N GLU A 605 -4.62 -10.97 -32.40
CA GLU A 605 -5.60 -10.37 -31.51
C GLU A 605 -5.22 -8.92 -31.21
N THR A 606 -6.25 -8.13 -30.96
CA THR A 606 -6.10 -6.73 -30.60
C THR A 606 -6.37 -6.53 -29.11
N ILE A 607 -5.89 -5.42 -28.58
CA ILE A 607 -6.26 -4.89 -27.27
C ILE A 607 -7.73 -4.99 -26.89
N TYR A 608 -8.63 -4.68 -27.81
CA TYR A 608 -10.05 -4.72 -27.46
C TYR A 608 -10.60 -6.13 -27.35
N GLU A 609 -9.99 -7.03 -28.12
CA GLU A 609 -10.35 -8.43 -27.97
C GLU A 609 -9.85 -9.00 -26.66
N VAL A 610 -8.70 -8.52 -26.16
CA VAL A 610 -8.31 -8.84 -24.78
C VAL A 610 -9.29 -8.27 -23.76
N ASP A 611 -9.58 -6.97 -23.87
CA ASP A 611 -10.56 -6.25 -23.05
C ASP A 611 -11.89 -6.98 -22.89
N GLN A 612 -12.49 -7.34 -24.02
CA GLN A 612 -13.75 -8.07 -24.03
C GLN A 612 -13.63 -9.53 -23.59
N ARG A 613 -12.56 -10.21 -24.01
CA ARG A 613 -12.37 -11.61 -23.66
C ARG A 613 -12.17 -11.84 -22.16
N VAL A 614 -11.43 -10.93 -21.53
CA VAL A 614 -11.28 -11.04 -20.09
C VAL A 614 -12.53 -10.54 -19.36
N SER A 615 -13.23 -9.57 -19.95
CA SER A 615 -14.45 -9.05 -19.33
C SER A 615 -15.57 -10.07 -19.23
N ILE A 616 -15.70 -10.95 -20.24
CA ILE A 616 -16.61 -12.09 -20.18
C ILE A 616 -16.37 -13.02 -18.98
N LYS A 617 -15.10 -13.27 -18.68
CA LYS A 617 -14.69 -14.19 -17.62
C LYS A 617 -14.85 -13.62 -16.21
N THR A 618 -14.94 -12.30 -16.10
CA THR A 618 -14.76 -11.59 -14.84
C THR A 618 -15.87 -10.61 -14.50
N GLN A 619 -16.84 -10.46 -15.40
CA GLN A 619 -17.85 -9.43 -15.27
C GLN A 619 -19.18 -10.05 -15.63
N VAL A 620 -20.09 -10.08 -14.66
CA VAL A 620 -21.34 -10.84 -14.82
C VAL A 620 -22.28 -10.20 -15.84
N ILE A 621 -22.43 -8.89 -15.72
CA ILE A 621 -23.15 -8.13 -16.73
C ILE A 621 -22.10 -7.78 -17.77
N PRO A 622 -22.28 -8.14 -19.05
CA PRO A 622 -21.23 -7.94 -20.05
C PRO A 622 -21.01 -6.47 -20.36
N PRO A 623 -19.81 -6.06 -20.78
CA PRO A 623 -19.57 -4.67 -21.12
C PRO A 623 -20.47 -4.20 -22.25
N LEU A 624 -20.81 -2.92 -22.19
CA LEU A 624 -21.32 -2.28 -23.41
C LEU A 624 -20.22 -2.29 -24.48
N PRO A 625 -20.55 -2.18 -25.77
CA PRO A 625 -19.56 -1.72 -26.73
C PRO A 625 -19.24 -0.27 -26.40
N GLU A 626 -18.09 0.21 -26.86
CA GLU A 626 -17.66 1.55 -26.46
C GLU A 626 -16.89 1.60 -25.14
N ASP A 627 -17.15 0.63 -24.25
CA ASP A 627 -16.43 0.52 -22.99
C ASP A 627 -14.99 0.10 -23.29
N ARG A 628 -14.07 0.97 -22.94
CA ARG A 628 -12.65 0.76 -23.16
C ARG A 628 -11.95 1.02 -21.86
N PHE A 629 -12.06 0.08 -20.94
CA PHE A 629 -11.51 0.32 -19.61
C PHE A 629 -9.98 0.39 -19.60
N LEU A 630 -9.37 -0.32 -20.54
CA LEU A 630 -7.91 -0.32 -20.66
C LEU A 630 -7.30 1.04 -20.97
N CYS A 631 -7.98 1.82 -21.80
CA CYS A 631 -7.54 3.18 -22.13
C CYS A 631 -7.56 4.15 -20.97
N SER A 632 -8.20 3.75 -19.88
CA SER A 632 -8.18 4.53 -18.66
C SER A 632 -7.40 3.83 -17.55
N PHE A 633 -6.83 2.64 -17.78
CA PHE A 633 -6.25 1.79 -16.73
C PHE A 633 -4.84 2.24 -16.36
N SER A 634 -4.78 3.41 -15.76
CA SER A 634 -3.51 4.10 -15.52
C SER A 634 -2.52 3.34 -14.68
N HIS A 635 -3.01 2.57 -13.72
CA HIS A 635 -2.19 1.71 -12.87
C HIS A 635 -1.10 0.89 -13.53
N ILE A 636 -1.37 0.39 -14.74
CA ILE A 636 -0.45 -0.51 -15.41
C ILE A 636 0.23 0.11 -16.62
N PHE A 637 -0.18 1.31 -17.01
CA PHE A 637 0.40 1.94 -18.21
C PHE A 637 1.09 3.24 -17.87
N ALA A 638 0.58 3.96 -16.89
CA ALA A 638 1.22 5.17 -16.42
C ALA A 638 1.88 4.95 -15.08
N GLY A 639 1.35 4.02 -14.28
CA GLY A 639 1.84 3.82 -12.92
C GLY A 639 2.72 2.60 -12.83
N GLY A 640 2.97 2.17 -11.60
CA GLY A 640 4.02 1.20 -11.38
C GLY A 640 3.58 -0.23 -11.16
N TYR A 641 2.33 -0.54 -11.42
CA TYR A 641 1.78 -1.87 -11.17
C TYR A 641 1.75 -2.80 -12.38
N ALA A 642 2.58 -2.54 -13.39
CA ALA A 642 2.62 -3.37 -14.59
C ALA A 642 3.13 -4.77 -14.30
N ALA A 643 2.26 -5.75 -14.53
CA ALA A 643 2.48 -7.16 -14.18
C ALA A 643 2.54 -7.40 -12.67
N GLY A 644 1.98 -6.45 -11.94
CA GLY A 644 2.01 -6.44 -10.50
C GLY A 644 0.67 -6.26 -9.85
N TYR A 645 -0.40 -6.12 -10.63
CA TYR A 645 -1.71 -5.79 -10.04
C TYR A 645 -2.29 -6.97 -9.24
N TYR A 646 -1.92 -8.19 -9.62
CA TYR A 646 -2.22 -9.38 -8.83
C TYR A 646 -1.82 -9.28 -7.34
N SER A 647 -0.82 -8.44 -7.05
CA SER A 647 -0.16 -8.35 -5.75
C SER A 647 -1.09 -8.08 -4.60
N TYR A 648 -2.12 -7.31 -4.91
CA TYR A 648 -3.12 -6.96 -3.92
C TYR A 648 -3.81 -8.19 -3.36
N LYS A 649 -4.32 -8.99 -4.29
CA LYS A 649 -5.05 -10.19 -3.93
C LYS A 649 -4.13 -11.31 -3.42
N TRP A 650 -2.90 -11.36 -3.93
CA TRP A 650 -1.89 -12.28 -3.40
C TRP A 650 -1.62 -12.10 -1.91
N ALA A 651 -1.40 -10.86 -1.49
CA ALA A 651 -1.11 -10.60 -0.09
C ALA A 651 -2.31 -10.84 0.82
N GLU A 652 -3.49 -10.58 0.27
CA GLU A 652 -4.76 -10.84 0.90
C GLU A 652 -4.96 -12.33 1.19
N VAL A 653 -4.62 -13.16 0.21
CA VAL A 653 -4.57 -14.62 0.36
C VAL A 653 -3.63 -15.07 1.47
N LEU A 654 -2.40 -14.54 1.46
CA LEU A 654 -1.41 -14.90 2.49
C LEU A 654 -1.86 -14.56 3.90
N SER A 655 -2.40 -13.36 4.06
CA SER A 655 -2.78 -12.88 5.39
C SER A 655 -3.99 -13.60 5.95
N ALA A 656 -4.99 -13.80 5.11
CA ALA A 656 -6.15 -14.61 5.51
C ALA A 656 -5.76 -16.02 5.93
N ASP A 657 -4.90 -16.63 5.12
CA ASP A 657 -4.41 -17.95 5.44
C ASP A 657 -3.57 -18.02 6.69
N ALA A 658 -2.67 -17.05 6.86
CA ALA A 658 -1.92 -16.93 8.11
C ALA A 658 -2.81 -16.83 9.36
N PHE A 659 -3.91 -16.07 9.24
CA PHE A 659 -4.87 -16.03 10.32
C PHE A 659 -5.56 -17.37 10.56
N SER A 660 -5.83 -18.11 9.50
CA SER A 660 -6.51 -19.41 9.67
C SER A 660 -5.72 -20.46 10.42
N ALA A 661 -4.41 -20.27 10.52
CA ALA A 661 -3.61 -21.03 11.48
C ALA A 661 -4.07 -20.89 12.93
N PHE A 662 -4.51 -19.69 13.27
CA PHE A 662 -5.03 -19.44 14.60
C PHE A 662 -6.45 -19.98 14.74
N GLU A 663 -7.20 -19.94 13.63
CA GLU A 663 -8.52 -20.55 13.60
C GLU A 663 -8.47 -22.05 13.83
N ASP A 664 -7.56 -22.70 13.12
CA ASP A 664 -7.30 -24.13 13.30
C ASP A 664 -6.83 -24.48 14.71
N ALA A 665 -5.94 -23.67 15.26
CA ALA A 665 -5.45 -23.91 16.61
C ALA A 665 -6.50 -23.75 17.70
N GLY A 666 -7.47 -22.90 17.41
CA GLY A 666 -8.58 -22.65 18.31
C GLY A 666 -8.43 -21.27 18.86
N LEU A 667 -9.28 -20.35 18.41
CA LEU A 667 -9.09 -18.93 18.80
C LEU A 667 -9.40 -18.63 20.25
N ASP A 668 -10.05 -19.59 20.91
CA ASP A 668 -10.44 -19.42 22.31
C ASP A 668 -9.54 -20.16 23.28
N ASP A 669 -8.61 -20.96 22.75
CA ASP A 669 -7.62 -21.58 23.59
C ASP A 669 -6.43 -20.64 23.62
N ILE A 670 -6.27 -19.91 24.72
CA ILE A 670 -5.20 -18.91 24.75
C ILE A 670 -3.79 -19.48 24.81
N LYS A 671 -3.65 -20.76 25.17
CA LYS A 671 -2.35 -21.41 25.00
C LYS A 671 -2.08 -21.68 23.52
N ALA A 672 -3.12 -22.07 22.79
CA ALA A 672 -2.99 -22.32 21.37
C ALA A 672 -2.71 -21.06 20.58
N VAL A 673 -3.32 -19.96 21.01
CA VAL A 673 -3.04 -18.67 20.41
C VAL A 673 -1.62 -18.22 20.70
N LYS A 674 -1.13 -18.44 21.93
CA LYS A 674 0.26 -18.09 22.21
C LYS A 674 1.26 -18.95 21.46
N GLU A 675 0.97 -20.23 21.31
CA GLU A 675 1.86 -21.12 20.58
C GLU A 675 1.90 -20.77 19.11
N THR A 676 0.73 -20.50 18.55
CA THR A 676 0.66 -20.15 17.14
C THR A 676 1.25 -18.76 16.89
N GLY A 677 1.03 -17.86 17.84
CA GLY A 677 1.60 -16.53 17.75
C GLY A 677 3.09 -16.49 17.92
N GLN A 678 3.61 -17.34 18.79
CA GLN A 678 5.05 -17.44 18.97
C GLN A 678 5.76 -17.89 17.70
N ARG A 679 5.13 -18.83 17.00
CA ARG A 679 5.67 -19.32 15.74
C ARG A 679 5.58 -18.30 14.62
N PHE A 680 4.52 -17.49 14.63
CA PHE A 680 4.41 -16.33 13.75
C PHE A 680 5.51 -15.32 14.03
N ARG A 681 5.68 -15.01 15.32
CA ARG A 681 6.79 -14.19 15.79
C ARG A 681 8.15 -14.62 15.27
N ASN A 682 8.35 -15.93 15.20
CA ASN A 682 9.67 -16.47 14.80
C ASN A 682 9.81 -16.78 13.32
N THR A 683 8.82 -16.43 12.53
CA THR A 683 8.83 -16.67 11.10
C THR A 683 8.61 -15.33 10.42
N ILE A 684 7.35 -15.01 10.12
CA ILE A 684 6.97 -13.79 9.43
C ILE A 684 7.63 -12.53 9.99
N LEU A 685 7.59 -12.39 11.30
CA LEU A 685 8.14 -11.19 11.94
C LEU A 685 9.65 -11.27 12.15
N ALA A 686 10.19 -12.46 12.42
CA ALA A 686 11.60 -12.53 12.79
C ALA A 686 12.57 -12.46 11.62
N LEU A 687 12.21 -13.11 10.52
CA LEU A 687 13.22 -13.45 9.52
C LEU A 687 13.55 -12.38 8.48
N GLY A 688 12.73 -11.32 8.42
CA GLY A 688 12.99 -10.22 7.52
C GLY A 688 12.98 -10.62 6.07
N GLY A 689 13.94 -10.11 5.33
CA GLY A 689 14.08 -10.49 3.93
C GLY A 689 15.28 -11.38 3.69
N GLY A 690 15.69 -12.09 4.74
CA GLY A 690 16.87 -12.94 4.68
C GLY A 690 16.57 -14.40 4.42
N LYS A 691 15.38 -14.65 3.90
CA LYS A 691 14.81 -15.96 3.61
C LYS A 691 13.73 -15.66 2.59
N ALA A 692 13.61 -16.47 1.54
CA ALA A 692 12.53 -16.22 0.59
C ALA A 692 11.13 -16.32 1.23
N PRO A 693 10.18 -15.44 0.88
CA PRO A 693 8.88 -15.43 1.52
C PRO A 693 8.06 -16.71 1.47
N LEU A 694 8.18 -17.51 0.40
CA LEU A 694 7.45 -18.79 0.41
C LEU A 694 8.00 -19.77 1.43
N LYS A 695 9.32 -19.74 1.62
CA LYS A 695 9.96 -20.48 2.69
C LYS A 695 9.52 -19.99 4.06
N VAL A 696 9.54 -18.67 4.31
CA VAL A 696 9.04 -18.12 5.58
C VAL A 696 7.58 -18.45 5.86
N PHE A 697 6.74 -18.31 4.84
CA PHE A 697 5.34 -18.62 4.99
C PHE A 697 5.09 -20.09 5.28
N VAL A 698 5.79 -20.97 4.58
CA VAL A 698 5.65 -22.41 4.80
C VAL A 698 6.19 -22.80 6.18
N GLU A 699 7.28 -22.16 6.61
CA GLU A 699 7.81 -22.37 7.96
C GLU A 699 6.82 -22.00 9.06
N PHE A 700 6.01 -20.98 8.80
CA PHE A 700 4.92 -20.67 9.71
C PHE A 700 3.78 -21.69 9.57
N ARG A 701 3.25 -21.75 8.36
CA ARG A 701 1.91 -22.24 8.15
C ARG A 701 1.87 -23.76 8.07
N GLY A 702 2.98 -24.35 7.64
CA GLY A 702 3.07 -25.80 7.53
C GLY A 702 2.93 -26.31 6.11
N ARG A 703 2.42 -25.45 5.25
CA ARG A 703 2.15 -25.75 3.87
C ARG A 703 2.20 -24.46 3.09
N GLU A 704 2.07 -24.60 1.77
CA GLU A 704 1.97 -23.46 0.87
C GLU A 704 0.60 -22.77 0.98
N PRO A 705 0.49 -21.49 0.59
CA PRO A 705 -0.74 -20.74 0.78
C PRO A 705 -1.97 -21.26 0.01
N SER A 706 -3.14 -21.13 0.65
CA SER A 706 -4.42 -21.52 0.09
C SER A 706 -5.35 -20.30 -0.02
N PRO A 707 -6.20 -20.21 -1.05
CA PRO A 707 -7.24 -19.20 -1.06
C PRO A 707 -8.44 -19.52 -0.19
N GLU A 708 -8.58 -20.76 0.31
CA GLU A 708 -9.75 -21.10 1.13
C GLU A 708 -10.09 -20.10 2.23
N PRO A 709 -9.14 -19.76 3.11
CA PRO A 709 -9.39 -18.84 4.20
C PRO A 709 -9.94 -17.49 3.75
N LEU A 710 -9.32 -16.93 2.72
CA LEU A 710 -9.79 -15.67 2.18
C LEU A 710 -11.21 -15.73 1.68
N LEU A 711 -11.45 -16.72 0.83
CA LEU A 711 -12.79 -17.00 0.35
C LEU A 711 -13.79 -17.29 1.45
N ARG A 712 -13.37 -18.02 2.47
CA ARG A 712 -14.25 -18.29 3.60
C ARG A 712 -14.54 -17.05 4.42
N HIS A 713 -13.51 -16.28 4.76
CA HIS A 713 -13.70 -15.08 5.57
C HIS A 713 -14.59 -14.05 4.92
N ASN A 714 -14.52 -13.99 3.60
CA ASN A 714 -15.38 -13.09 2.84
C ASN A 714 -16.67 -13.74 2.40
N GLY A 715 -16.88 -15.02 2.69
CA GLY A 715 -18.20 -15.60 2.52
C GLY A 715 -18.48 -16.16 1.15
N LEU A 716 -17.44 -16.58 0.44
CA LEU A 716 -17.56 -17.00 -0.96
C LEU A 716 -17.46 -18.52 -1.13
N LEU A 717 -17.07 -19.16 -0.03
CA LEU A 717 -17.08 -20.59 0.15
C LEU A 717 -17.49 -20.85 1.59
#